data_7QM2
#
_entry.id   7QM2
#
_cell.length_a   153.600
_cell.length_b   153.600
_cell.length_c   285.620
_cell.angle_alpha   90.000
_cell.angle_beta   90.000
_cell.angle_gamma   120.000
#
_symmetry.space_group_name_H-M   'P 61 2 2'
#
loop_
_entity.id
_entity.type
_entity.pdbx_description
1 polymer 'Serine/threonine-protein phosphatase PP1-alpha catalytic subunit'
2 polymer 'Protein phosphatase 1 regulatory subunit 3C'
3 branched Cycloheptakis-(1-4)-(alpha-D-glucopyranose)
4 water water
#
loop_
_entity_poly.entity_id
_entity_poly.type
_entity_poly.pdbx_seq_one_letter_code
_entity_poly.pdbx_strand_id
1 'polypeptide(L)'
;GHMGSLNLDSIIGRLLEVQGSRPGKNVQLTENEIRGLCLKSREIFLSQPILLELEAPLKICGDIHGQYYDLLRLFEYGGF
PPESNYLFLGDYVDRGKQSLETICLLLAYKIKYPENFFLLRGNHECASINRIYGFYDECKRRYNIKLWKTFTDCFNCLPI
AAIVDEKIFCCHGGLSPDLQSMEQIRRIMRPTDVPDQGLLCDLLWSDPDKDVQGWGENDRGVSFTFGAEVVAKFLHKHDL
DLICRAHQVVEDGYEFFAKRQLVTLFSAPNYCGEFDNAGAMMSVDETLMCSFQILKPAD
;
A,C
2 'polypeptide(L)'
;GPLGSSQNDWKCSHNQAKKRVVFADSKGLSLTAIHVFSDLPEEPAWDLQFDLLDLNDISSALKHHEEKNLILDFPQPSTD
YLSFRSHFQKNFVCLENCSLQERTVTGTVKVKNVSFEKKVQIRITFDSWKNYTDVDCVYMKNVYGGTDSDTFSFAIDLPP
VIPTEQKIEFCISYHANGQVFWDNNDGQNYRIVHVQWKPD
;
B,D
#
loop_
_chem_comp.id
_chem_comp.type
_chem_comp.name
_chem_comp.formula
GLC D-saccharide, alpha linking alpha-D-glucopyranose 'C6 H12 O6'
#
# COMPACT_ATOMS: atom_id res chain seq x y z
N LEU A 6 -22.80 23.62 -9.36
CA LEU A 6 -22.64 23.39 -7.90
C LEU A 6 -22.68 24.72 -7.18
N ASN A 7 -23.52 24.85 -6.16
CA ASN A 7 -23.61 26.11 -5.42
C ASN A 7 -22.87 26.01 -4.10
N LEU A 8 -21.63 26.51 -4.10
CA LEU A 8 -20.76 26.48 -2.94
C LEU A 8 -21.36 27.20 -1.74
N ASP A 9 -21.95 28.39 -1.96
CA ASP A 9 -22.37 29.21 -0.83
C ASP A 9 -23.58 28.63 -0.10
N SER A 10 -24.43 27.88 -0.82
CA SER A 10 -25.52 27.17 -0.16
C SER A 10 -24.96 26.09 0.75
N ILE A 11 -23.90 25.42 0.30
CA ILE A 11 -23.27 24.38 1.09
C ILE A 11 -22.64 24.99 2.35
N ILE A 12 -21.71 25.94 2.18
CA ILE A 12 -21.07 26.53 3.36
C ILE A 12 -22.11 27.07 4.31
N GLY A 13 -23.16 27.69 3.75
CA GLY A 13 -24.27 28.14 4.58
C GLY A 13 -24.85 27.03 5.42
N ARG A 14 -25.15 25.89 4.78
CA ARG A 14 -25.74 24.79 5.56
C ARG A 14 -24.77 24.26 6.62
N LEU A 15 -23.48 24.14 6.28
CA LEU A 15 -22.51 23.56 7.21
C LEU A 15 -22.31 24.41 8.46
N LEU A 16 -22.40 25.74 8.33
CA LEU A 16 -22.20 26.64 9.45
C LEU A 16 -23.46 26.86 10.29
N GLU A 17 -24.47 26.00 10.17
CA GLU A 17 -25.66 26.13 11.03
C GLU A 17 -25.80 24.97 12.01
N VAL A 18 -24.79 24.72 12.84
CA VAL A 18 -24.92 23.68 13.84
C VAL A 18 -23.90 23.91 14.96
N GLN A 28 -28.53 15.65 5.09
CA GLN A 28 -28.54 17.12 5.16
C GLN A 28 -27.79 17.79 4.01
N LEU A 29 -26.73 17.15 3.50
CA LEU A 29 -26.14 17.50 2.21
C LEU A 29 -26.34 16.35 1.24
N THR A 30 -26.65 16.69 -0.01
CA THR A 30 -26.87 15.65 -0.98
C THR A 30 -25.54 15.03 -1.38
N GLU A 31 -25.59 13.74 -1.74
CA GLU A 31 -24.39 13.02 -2.17
C GLU A 31 -23.71 13.72 -3.35
N ASN A 32 -24.48 14.34 -4.24
CA ASN A 32 -23.86 15.01 -5.39
C ASN A 32 -23.17 16.32 -5.01
N GLU A 33 -23.63 17.02 -3.98
CA GLU A 33 -22.88 18.18 -3.53
C GLU A 33 -21.51 17.75 -3.00
N ILE A 34 -21.49 16.69 -2.19
CA ILE A 34 -20.22 16.20 -1.66
C ILE A 34 -19.32 15.71 -2.80
N ARG A 35 -19.88 14.96 -3.74
CA ARG A 35 -19.10 14.56 -4.90
C ARG A 35 -18.53 15.79 -5.60
N GLY A 36 -19.31 16.85 -5.69
CA GLY A 36 -18.86 18.05 -6.38
C GLY A 36 -17.70 18.71 -5.67
N LEU A 37 -17.79 18.86 -4.34
CA LEU A 37 -16.67 19.38 -3.57
C LEU A 37 -15.40 18.55 -3.82
N CYS A 38 -15.54 17.23 -3.88
CA CYS A 38 -14.38 16.38 -4.09
C CYS A 38 -13.72 16.61 -5.44
N LEU A 39 -14.53 16.68 -6.50
CA LEU A 39 -13.94 16.84 -7.83
C LEU A 39 -13.31 18.22 -7.99
N LYS A 40 -14.01 19.24 -7.58
CA LYS A 40 -13.47 20.60 -7.75
C LYS A 40 -12.22 20.78 -6.93
N SER A 41 -12.23 20.37 -5.69
CA SER A 41 -11.04 20.55 -4.87
C SER A 41 -9.88 19.72 -5.42
N ARG A 42 -10.17 18.53 -5.95
CA ARG A 42 -9.09 17.70 -6.51
C ARG A 42 -8.40 18.43 -7.67
N GLU A 43 -9.18 19.04 -8.55
CA GLU A 43 -8.58 19.78 -9.66
C GLU A 43 -7.73 20.95 -9.16
N ILE A 44 -8.20 21.65 -8.12
CA ILE A 44 -7.39 22.73 -7.56
C ILE A 44 -6.08 22.20 -7.00
N PHE A 45 -6.15 21.13 -6.20
CA PHE A 45 -4.96 20.57 -5.57
C PHE A 45 -3.92 20.21 -6.61
N LEU A 46 -4.37 19.65 -7.74
CA LEU A 46 -3.43 19.30 -8.80
C LEU A 46 -2.89 20.53 -9.52
N SER A 47 -3.66 21.61 -9.59
CA SER A 47 -3.17 22.81 -10.28
C SER A 47 -2.12 23.57 -9.47
N GLN A 48 -2.03 23.33 -8.16
CA GLN A 48 -1.04 23.98 -7.33
C GLN A 48 0.08 23.01 -7.00
N PRO A 49 1.27 23.54 -6.66
CA PRO A 49 2.40 22.67 -6.34
C PRO A 49 2.11 21.67 -5.22
N ILE A 50 2.91 20.59 -5.22
CA ILE A 50 2.87 19.60 -4.15
C ILE A 50 3.75 20.00 -2.98
N LEU A 51 4.72 20.87 -3.20
CA LEU A 51 5.47 21.56 -2.13
C LEU A 51 5.07 23.04 -2.20
N LEU A 52 4.03 23.41 -1.45
CA LEU A 52 3.52 24.78 -1.51
C LEU A 52 4.53 25.79 -0.98
N GLU A 53 4.63 26.93 -1.66
CA GLU A 53 5.49 28.02 -1.21
C GLU A 53 4.58 29.17 -0.77
N LEU A 54 4.46 29.38 0.54
CA LEU A 54 3.45 30.26 1.11
C LEU A 54 4.08 31.52 1.67
N GLU A 55 3.26 32.55 1.76
CA GLU A 55 3.66 33.88 2.19
C GLU A 55 2.91 34.21 3.48
N ALA A 56 3.65 34.41 4.57
CA ALA A 56 3.04 34.86 5.83
C ALA A 56 2.39 36.24 5.63
N PRO A 57 1.38 36.61 6.47
CA PRO A 57 0.85 36.03 7.71
C PRO A 57 -0.01 34.83 7.47
N LEU A 58 -0.10 33.99 8.50
CA LEU A 58 -0.55 32.62 8.34
C LEU A 58 -0.94 32.06 9.70
N LYS A 59 -1.98 31.24 9.73
CA LYS A 59 -2.32 30.49 10.91
C LYS A 59 -2.20 29.01 10.55
N ILE A 60 -1.45 28.27 11.35
CA ILE A 60 -1.15 26.87 11.06
C ILE A 60 -1.77 26.01 12.15
N CYS A 61 -2.54 25.00 11.74
CA CYS A 61 -3.28 24.14 12.65
C CYS A 61 -2.90 22.68 12.45
N GLY A 62 -2.98 21.91 13.53
CA GLY A 62 -2.68 20.48 13.50
C GLY A 62 -3.90 19.62 13.25
N ASP A 63 -3.89 18.43 13.85
CA ASP A 63 -4.93 17.44 13.58
C ASP A 63 -6.28 17.94 14.09
N ILE A 64 -7.33 17.64 13.33
CA ILE A 64 -8.71 17.93 13.68
C ILE A 64 -9.49 16.67 14.04
N HIS A 65 -9.19 15.57 13.35
CA HIS A 65 -9.77 14.26 13.64
C HIS A 65 -11.28 14.35 13.88
N GLY A 66 -11.98 14.98 12.94
CA GLY A 66 -13.44 14.99 12.91
C GLY A 66 -14.15 15.71 14.03
N GLN A 67 -13.43 16.48 14.86
CA GLN A 67 -14.04 17.18 16.00
C GLN A 67 -14.55 18.55 15.54
N TYR A 68 -15.67 18.49 14.82
CA TYR A 68 -16.13 19.63 14.00
C TYR A 68 -16.42 20.87 14.83
N TYR A 69 -17.11 20.71 15.96
CA TYR A 69 -17.41 21.87 16.80
C TYR A 69 -16.12 22.54 17.30
N ASP A 70 -15.05 21.75 17.48
CA ASP A 70 -13.77 22.36 17.85
C ASP A 70 -13.11 23.07 16.68
N LEU A 71 -13.32 22.62 15.45
CA LEU A 71 -12.85 23.36 14.29
C LEU A 71 -13.57 24.70 14.19
N LEU A 72 -14.90 24.67 14.31
CA LEU A 72 -15.65 25.91 14.32
C LEU A 72 -15.12 26.85 15.38
N ARG A 73 -14.82 26.32 16.58
CA ARG A 73 -14.22 27.16 17.60
C ARG A 73 -12.87 27.74 17.16
N LEU A 74 -12.07 26.92 16.47
CA LEU A 74 -10.80 27.41 15.92
C LEU A 74 -11.01 28.62 15.02
N PHE A 75 -12.05 28.58 14.18
CA PHE A 75 -12.33 29.70 13.29
C PHE A 75 -12.90 30.90 14.05
N GLU A 76 -13.84 30.67 14.98
CA GLU A 76 -14.34 31.77 15.83
C GLU A 76 -13.18 32.51 16.48
N TYR A 77 -12.12 31.79 16.85
CA TYR A 77 -11.01 32.37 17.57
C TYR A 77 -9.97 33.01 16.66
N GLY A 78 -9.62 32.36 15.56
CA GLY A 78 -8.62 32.87 14.64
C GLY A 78 -9.15 33.63 13.45
N GLY A 79 -10.46 33.75 13.29
CA GLY A 79 -11.05 34.49 12.18
C GLY A 79 -11.51 33.60 11.04
N PHE A 80 -12.76 33.73 10.60
CA PHE A 80 -13.23 32.89 9.50
C PHE A 80 -12.57 33.29 8.18
N PRO A 81 -12.37 32.34 7.28
CA PRO A 81 -11.77 32.68 5.99
C PRO A 81 -12.66 33.64 5.24
N PRO A 82 -12.07 34.61 4.51
CA PRO A 82 -10.63 34.84 4.33
C PRO A 82 -10.02 35.94 5.24
N GLU A 83 -10.64 36.16 6.40
CA GLU A 83 -10.14 37.13 7.38
C GLU A 83 -8.75 36.76 7.90
N SER A 84 -8.38 35.48 7.81
CA SER A 84 -7.02 35.03 8.10
C SER A 84 -6.70 33.90 7.12
N ASN A 85 -5.42 33.75 6.81
CA ASN A 85 -4.97 32.65 5.96
C ASN A 85 -4.72 31.41 6.82
N TYR A 86 -5.09 30.24 6.32
CA TYR A 86 -4.88 29.03 7.08
C TYR A 86 -4.02 28.03 6.32
N LEU A 87 -3.30 27.22 7.08
CA LEU A 87 -2.57 26.06 6.57
C LEU A 87 -2.86 24.93 7.54
N PHE A 88 -3.35 23.81 7.04
CA PHE A 88 -3.71 22.69 7.90
C PHE A 88 -2.76 21.52 7.63
N LEU A 89 -2.22 20.94 8.69
CA LEU A 89 -1.20 19.90 8.56
C LEU A 89 -1.79 18.51 8.57
N GLY A 90 -2.93 18.32 7.91
CA GLY A 90 -3.44 16.97 7.75
C GLY A 90 -4.25 16.43 8.93
N ASP A 91 -4.67 15.18 8.76
CA ASP A 91 -5.49 14.43 9.72
C ASP A 91 -6.83 15.14 9.97
N TYR A 92 -7.68 15.10 8.95
CA TYR A 92 -9.00 15.69 9.09
C TYR A 92 -10.08 14.71 9.50
N VAL A 93 -9.89 13.39 9.33
CA VAL A 93 -11.08 12.54 9.24
C VAL A 93 -11.14 11.28 10.07
N ASP A 94 -10.45 11.15 11.18
CA ASP A 94 -10.75 9.89 11.86
C ASP A 94 -11.08 10.10 13.32
N ARG A 95 -11.54 9.01 13.96
CA ARG A 95 -11.70 8.91 15.42
C ARG A 95 -12.89 9.71 15.93
N GLY A 96 -13.06 10.94 15.45
CA GLY A 96 -14.17 11.78 15.87
C GLY A 96 -15.49 11.41 15.22
N LYS A 97 -16.52 12.18 15.59
CA LYS A 97 -17.90 11.83 15.30
C LYS A 97 -18.44 12.51 14.04
N GLN A 98 -17.68 13.41 13.43
CA GLN A 98 -18.17 14.21 12.32
C GLN A 98 -17.07 14.48 11.29
N SER A 99 -16.48 13.41 10.75
CA SER A 99 -15.50 13.56 9.68
C SER A 99 -16.12 14.21 8.45
N LEU A 100 -17.35 13.79 8.09
CA LEU A 100 -17.96 14.30 6.88
C LEU A 100 -18.12 15.81 6.92
N GLU A 101 -18.65 16.33 8.03
CA GLU A 101 -18.82 17.77 8.12
C GLU A 101 -17.45 18.46 8.08
N THR A 102 -16.47 17.94 8.83
CA THR A 102 -15.15 18.58 8.91
C THR A 102 -14.51 18.71 7.53
N ILE A 103 -14.44 17.60 6.79
CA ILE A 103 -13.79 17.63 5.49
C ILE A 103 -14.62 18.41 4.47
N CYS A 104 -15.95 18.43 4.59
CA CYS A 104 -16.73 19.19 3.61
C CYS A 104 -16.58 20.70 3.80
N LEU A 105 -16.55 21.17 5.06
CA LEU A 105 -16.24 22.59 5.25
C LEU A 105 -14.86 22.91 4.72
N LEU A 106 -13.85 22.04 5.00
CA LEU A 106 -12.50 22.38 4.55
C LEU A 106 -12.37 22.39 3.03
N LEU A 107 -12.97 21.42 2.34
CA LEU A 107 -12.89 21.46 0.88
C LEU A 107 -13.72 22.64 0.34
N ALA A 108 -14.86 22.92 0.95
CA ALA A 108 -15.65 24.07 0.50
C ALA A 108 -14.83 25.35 0.58
N TYR A 109 -14.10 25.53 1.68
CA TYR A 109 -13.29 26.72 1.85
C TYR A 109 -12.09 26.73 0.91
N LYS A 110 -11.48 25.56 0.68
CA LYS A 110 -10.40 25.50 -0.32
C LYS A 110 -10.89 25.91 -1.70
N ILE A 111 -12.13 25.57 -2.06
CA ILE A 111 -12.65 25.98 -3.36
C ILE A 111 -12.96 27.48 -3.37
N LYS A 112 -13.47 28.01 -2.24
CA LYS A 112 -13.88 29.41 -2.20
C LYS A 112 -12.68 30.36 -2.19
N TYR A 113 -11.67 30.08 -1.36
CA TYR A 113 -10.49 30.94 -1.28
C TYR A 113 -9.24 30.12 -1.57
N PRO A 114 -9.04 29.71 -2.83
CA PRO A 114 -7.98 28.73 -3.16
C PRO A 114 -6.56 29.22 -2.99
N GLU A 115 -6.32 30.52 -2.86
CA GLU A 115 -4.95 30.98 -2.63
C GLU A 115 -4.76 31.57 -1.22
N ASN A 116 -5.69 31.29 -0.28
CA ASN A 116 -5.56 31.73 1.11
C ASN A 116 -6.04 30.67 2.10
N PHE A 117 -6.14 29.43 1.66
CA PHE A 117 -6.61 28.32 2.48
C PHE A 117 -5.87 27.11 1.94
N PHE A 118 -5.18 26.40 2.82
CA PHE A 118 -4.29 25.36 2.35
C PHE A 118 -4.46 24.12 3.21
N LEU A 119 -4.44 22.97 2.53
CA LEU A 119 -4.61 21.68 3.19
C LEU A 119 -3.45 20.78 2.82
N LEU A 120 -2.79 20.22 3.83
CA LEU A 120 -1.76 19.22 3.61
C LEU A 120 -2.29 17.83 3.93
N ARG A 121 -1.62 16.83 3.41
CA ARG A 121 -2.04 15.45 3.61
C ARG A 121 -1.42 14.89 4.87
N GLY A 122 -2.24 14.28 5.72
CA GLY A 122 -1.78 13.61 6.90
C GLY A 122 -2.00 12.11 6.77
N ASN A 123 -1.40 11.37 7.71
CA ASN A 123 -1.34 9.92 7.56
C ASN A 123 -2.72 9.28 7.62
N HIS A 124 -3.77 10.03 8.00
CA HIS A 124 -5.12 9.51 8.01
C HIS A 124 -5.90 9.81 6.74
N GLU A 125 -5.36 10.62 5.84
CA GLU A 125 -5.96 10.76 4.52
C GLU A 125 -5.40 9.71 3.57
N CYS A 126 -5.29 8.48 4.06
CA CYS A 126 -4.89 7.36 3.24
C CYS A 126 -5.97 6.30 3.38
N ALA A 127 -6.19 5.55 2.29
CA ALA A 127 -7.25 4.55 2.30
C ALA A 127 -6.96 3.43 3.28
N SER A 128 -5.69 3.01 3.37
CA SER A 128 -5.33 1.91 4.24
C SER A 128 -5.60 2.21 5.70
N ILE A 129 -5.73 3.47 6.08
CA ILE A 129 -5.94 3.88 7.47
C ILE A 129 -7.39 4.26 7.71
N ASN A 130 -7.93 5.19 6.91
CA ASN A 130 -9.27 5.66 7.24
C ASN A 130 -10.35 4.63 6.90
N ARG A 131 -10.01 3.53 6.20
CA ARG A 131 -10.91 2.38 6.12
C ARG A 131 -11.16 1.76 7.50
N ILE A 132 -10.16 1.81 8.37
CA ILE A 132 -10.19 1.04 9.60
C ILE A 132 -10.66 1.88 10.78
N TYR A 133 -10.28 3.16 10.84
CA TYR A 133 -10.50 3.98 12.03
C TYR A 133 -11.70 4.93 11.88
N GLY A 134 -12.67 4.62 11.01
CA GLY A 134 -13.97 5.26 11.12
C GLY A 134 -14.56 6.03 9.96
N PHE A 135 -13.73 6.61 9.11
CA PHE A 135 -14.24 7.45 8.04
C PHE A 135 -15.05 6.63 7.06
N TYR A 136 -14.51 5.47 6.66
CA TYR A 136 -15.24 4.60 5.77
C TYR A 136 -16.58 4.20 6.38
N ASP A 137 -16.63 3.95 7.69
CA ASP A 137 -17.90 3.59 8.32
C ASP A 137 -18.89 4.74 8.26
N GLU A 138 -18.41 5.98 8.42
CA GLU A 138 -19.30 7.14 8.33
C GLU A 138 -19.87 7.29 6.92
N CYS A 139 -19.00 7.19 5.91
CA CYS A 139 -19.48 7.24 4.52
C CYS A 139 -20.48 6.14 4.25
N LYS A 140 -20.18 4.90 4.68
CA LYS A 140 -21.04 3.76 4.43
C LYS A 140 -22.43 3.94 5.06
N ARG A 141 -22.48 4.47 6.29
CA ARG A 141 -23.76 4.61 6.97
C ARG A 141 -24.57 5.75 6.36
N ARG A 142 -23.98 6.94 6.28
CA ARG A 142 -24.74 8.12 5.89
C ARG A 142 -24.99 8.18 4.39
N TYR A 143 -24.04 7.72 3.58
CA TYR A 143 -24.22 7.71 2.13
C TYR A 143 -23.99 6.33 1.55
N ASN A 144 -22.83 6.10 0.95
CA ASN A 144 -22.55 4.79 0.38
C ASN A 144 -21.06 4.71 0.06
N ILE A 145 -20.61 3.49 -0.24
CA ILE A 145 -19.19 3.23 -0.44
C ILE A 145 -18.62 4.08 -1.58
N LYS A 146 -19.39 4.29 -2.64
CA LYS A 146 -18.82 4.99 -3.78
C LYS A 146 -18.32 6.36 -3.36
N LEU A 147 -19.01 6.99 -2.41
CA LEU A 147 -18.57 8.29 -1.91
C LEU A 147 -17.21 8.18 -1.23
N TRP A 148 -17.01 7.14 -0.44
CA TRP A 148 -15.70 6.96 0.18
C TRP A 148 -14.62 6.72 -0.88
N LYS A 149 -14.94 5.98 -1.95
CA LYS A 149 -13.97 5.85 -3.04
C LYS A 149 -13.64 7.20 -3.67
N THR A 150 -14.65 8.06 -3.85
CA THR A 150 -14.36 9.40 -4.37
C THR A 150 -13.48 10.20 -3.42
N PHE A 151 -13.77 10.16 -2.11
CA PHE A 151 -12.92 10.85 -1.15
C PHE A 151 -11.50 10.35 -1.24
N THR A 152 -11.33 9.05 -1.42
CA THR A 152 -9.98 8.53 -1.46
C THR A 152 -9.24 9.06 -2.68
N ASP A 153 -9.91 9.13 -3.84
CA ASP A 153 -9.21 9.68 -4.99
C ASP A 153 -8.88 11.13 -4.76
N CYS A 154 -9.75 11.85 -4.07
CA CYS A 154 -9.43 13.25 -3.77
C CYS A 154 -8.20 13.34 -2.89
N PHE A 155 -8.20 12.63 -1.75
CA PHE A 155 -7.09 12.69 -0.83
C PHE A 155 -5.77 12.37 -1.51
N ASN A 156 -5.78 11.46 -2.50
CA ASN A 156 -4.53 11.15 -3.17
C ASN A 156 -3.91 12.37 -3.86
N CYS A 157 -4.63 13.49 -3.99
CA CYS A 157 -4.10 14.65 -4.67
C CYS A 157 -3.63 15.76 -3.74
N LEU A 158 -3.88 15.67 -2.41
CA LEU A 158 -3.40 16.62 -1.42
C LEU A 158 -1.90 16.85 -1.51
N PRO A 159 -1.43 18.07 -1.26
CA PRO A 159 0.01 18.33 -1.22
C PRO A 159 0.62 17.85 0.09
N ILE A 160 1.95 17.76 0.10
CA ILE A 160 2.66 16.99 1.09
C ILE A 160 3.38 17.85 2.14
N ALA A 161 3.79 19.07 1.79
CA ALA A 161 4.56 19.91 2.68
C ALA A 161 4.47 21.34 2.19
N ALA A 162 4.88 22.28 3.05
CA ALA A 162 4.81 23.70 2.77
C ALA A 162 6.02 24.41 3.34
N ILE A 163 6.48 25.45 2.67
CA ILE A 163 7.59 26.28 3.14
C ILE A 163 7.09 27.71 3.25
N VAL A 164 6.90 28.18 4.48
CA VAL A 164 6.44 29.55 4.71
C VAL A 164 7.65 30.48 4.66
N ASP A 165 7.64 31.37 3.68
CA ASP A 165 8.57 32.50 3.58
C ASP A 165 10.03 32.08 3.52
N GLU A 166 10.28 30.88 3.03
CA GLU A 166 11.62 30.31 2.94
C GLU A 166 12.26 30.14 4.32
N LYS A 167 11.45 30.05 5.37
CA LYS A 167 11.97 29.87 6.72
C LYS A 167 11.32 28.74 7.50
N ILE A 168 10.01 28.50 7.35
CA ILE A 168 9.32 27.47 8.14
C ILE A 168 8.96 26.30 7.22
N PHE A 169 9.42 25.10 7.58
CA PHE A 169 9.08 23.88 6.86
C PHE A 169 7.98 23.15 7.63
N CYS A 170 6.85 22.92 6.97
CA CYS A 170 5.66 22.33 7.56
C CYS A 170 5.31 21.05 6.83
N CYS A 171 5.11 19.96 7.60
CA CYS A 171 4.55 18.74 7.09
C CYS A 171 3.82 18.04 8.22
N HIS A 172 3.14 16.94 7.89
CA HIS A 172 2.31 16.33 8.92
C HIS A 172 3.14 15.51 9.90
N GLY A 173 4.03 14.64 9.41
CA GLY A 173 4.83 13.85 10.32
C GLY A 173 6.14 14.51 10.69
N GLY A 174 7.09 14.53 9.76
CA GLY A 174 8.39 15.13 10.04
C GLY A 174 9.39 14.79 8.96
N LEU A 175 10.65 14.74 9.35
CA LEU A 175 11.75 14.60 8.41
C LEU A 175 11.83 13.16 7.88
N SER A 176 12.78 12.94 6.96
CA SER A 176 13.02 11.62 6.34
C SER A 176 14.51 11.42 6.08
N PRO A 177 15.05 10.23 6.34
CA PRO A 177 16.47 10.00 6.07
C PRO A 177 16.82 9.96 4.57
N ASP A 178 15.84 10.07 3.69
CA ASP A 178 16.13 10.12 2.27
C ASP A 178 16.17 11.53 1.71
N LEU A 179 15.73 12.54 2.49
CA LEU A 179 15.44 13.89 1.99
C LEU A 179 16.72 14.73 1.99
N GLN A 180 17.38 14.80 0.82
CA GLN A 180 18.60 15.59 0.65
C GLN A 180 18.29 16.98 0.11
N SER A 181 17.32 17.10 -0.82
CA SER A 181 16.88 18.36 -1.40
C SER A 181 15.36 18.36 -1.60
N MET A 182 14.78 19.55 -1.67
CA MET A 182 13.34 19.65 -1.90
C MET A 182 12.92 19.08 -3.25
N GLU A 183 13.83 18.97 -4.21
CA GLU A 183 13.44 18.48 -5.53
C GLU A 183 12.92 17.06 -5.47
N GLN A 184 13.30 16.31 -4.44
CA GLN A 184 12.71 14.99 -4.23
C GLN A 184 11.21 15.12 -3.98
N ILE A 185 10.83 16.03 -3.08
CA ILE A 185 9.42 16.25 -2.79
C ILE A 185 8.70 16.75 -4.03
N ARG A 186 9.32 17.67 -4.76
CA ARG A 186 8.64 18.20 -5.96
C ARG A 186 8.46 17.13 -7.05
N ARG A 187 9.33 16.11 -7.10
CA ARG A 187 9.22 15.09 -8.14
C ARG A 187 8.12 14.07 -7.89
N ILE A 188 7.55 14.05 -6.68
CA ILE A 188 6.52 13.06 -6.34
C ILE A 188 5.26 13.32 -7.17
N MET A 189 4.80 12.28 -7.87
CA MET A 189 3.69 12.43 -8.79
C MET A 189 2.34 12.09 -8.12
N ARG A 190 1.32 12.85 -8.48
CA ARG A 190 -0.03 12.72 -7.95
C ARG A 190 -1.00 12.36 -9.07
N PRO A 191 -2.10 11.64 -8.78
CA PRO A 191 -2.50 11.07 -7.49
C PRO A 191 -1.62 9.91 -7.10
N THR A 192 -1.54 9.61 -5.82
CA THR A 192 -0.73 8.48 -5.42
C THR A 192 -1.22 8.01 -4.06
N ASP A 193 -1.06 6.70 -3.82
CA ASP A 193 -1.33 6.15 -2.50
C ASP A 193 -0.05 6.31 -1.68
N VAL A 194 -0.14 6.14 -0.37
CA VAL A 194 1.11 6.23 0.40
C VAL A 194 1.71 4.84 0.52
N PRO A 195 2.98 4.68 0.14
CA PRO A 195 3.63 3.37 0.29
C PRO A 195 3.90 3.04 1.75
N ASP A 196 4.36 1.84 1.99
CA ASP A 196 4.63 1.42 3.36
C ASP A 196 6.01 1.86 3.83
N GLN A 197 6.86 2.29 2.91
CA GLN A 197 8.21 2.73 3.22
C GLN A 197 8.57 3.81 2.21
N GLY A 198 9.41 4.77 2.61
CA GLY A 198 10.00 5.70 1.68
C GLY A 198 9.67 7.14 2.02
N LEU A 199 10.13 8.04 1.14
CA LEU A 199 10.04 9.48 1.42
C LEU A 199 8.62 9.92 1.75
N LEU A 200 7.66 9.60 0.88
CA LEU A 200 6.29 10.05 1.14
C LEU A 200 5.77 9.47 2.45
N CYS A 201 6.03 8.19 2.68
CA CYS A 201 5.66 7.56 3.96
C CYS A 201 6.23 8.34 5.15
N ASP A 202 7.55 8.59 5.14
CA ASP A 202 8.19 9.22 6.30
C ASP A 202 7.61 10.61 6.54
N LEU A 203 7.36 11.38 5.47
CA LEU A 203 6.81 12.74 5.67
C LEU A 203 5.46 12.72 6.38
N LEU A 204 4.70 11.62 6.27
CA LEU A 204 3.41 11.55 6.94
C LEU A 204 3.45 10.79 8.27
N TRP A 205 4.54 10.08 8.60
CA TRP A 205 4.53 9.17 9.73
C TRP A 205 5.63 9.38 10.78
N SER A 206 6.80 9.93 10.42
CA SER A 206 7.94 9.94 11.34
C SER A 206 7.75 10.96 12.48
N ASP A 207 8.43 10.68 13.59
CA ASP A 207 8.33 11.45 14.83
C ASP A 207 9.71 11.86 15.35
N PRO A 208 9.78 12.99 16.04
CA PRO A 208 10.96 13.29 16.85
C PRO A 208 10.96 12.53 18.16
N ASP A 209 12.16 12.20 18.63
CA ASP A 209 12.36 11.60 19.95
C ASP A 209 13.56 12.26 20.61
N LYS A 210 13.41 12.59 21.89
CA LYS A 210 14.51 13.17 22.64
C LYS A 210 15.64 12.18 22.88
N ASP A 211 15.31 10.89 23.02
CA ASP A 211 16.29 9.86 23.34
C ASP A 211 16.89 9.17 22.12
N VAL A 212 17.03 9.87 21.00
CA VAL A 212 17.58 9.26 19.80
C VAL A 212 18.70 10.13 19.27
N GLN A 213 19.88 9.56 19.15
CA GLN A 213 20.98 10.17 18.42
C GLN A 213 20.83 9.75 16.97
N GLY A 214 20.39 10.68 16.14
CA GLY A 214 20.20 10.42 14.73
C GLY A 214 18.85 9.81 14.42
N TRP A 215 18.85 8.60 13.87
CA TRP A 215 17.63 7.92 13.43
C TRP A 215 17.47 6.60 14.17
N GLY A 216 16.23 6.25 14.47
CA GLY A 216 15.93 4.98 15.11
C GLY A 216 14.57 4.50 14.68
N GLU A 217 14.24 3.28 15.09
CA GLU A 217 12.96 2.70 14.70
C GLU A 217 11.83 3.40 15.46
N ASN A 218 10.62 3.30 14.89
CA ASN A 218 9.45 4.05 15.35
C ASN A 218 8.45 3.08 15.99
N ASP A 219 8.02 3.38 17.22
CA ASP A 219 7.19 2.40 17.93
C ASP A 219 5.89 2.08 17.21
N ARG A 220 5.43 2.89 16.29
CA ARG A 220 4.14 2.58 15.65
C ARG A 220 4.29 1.51 14.61
N GLY A 221 5.51 1.19 14.26
CA GLY A 221 5.73 0.21 13.22
C GLY A 221 5.73 0.78 11.83
N VAL A 222 5.64 2.10 11.69
CA VAL A 222 5.76 2.77 10.40
C VAL A 222 6.85 3.81 10.51
N SER A 223 7.67 3.92 9.46
CA SER A 223 8.67 5.00 9.38
C SER A 223 9.68 4.95 10.55
N PHE A 224 10.15 6.13 10.98
CA PHE A 224 11.35 6.19 11.83
C PHE A 224 11.21 7.32 12.84
N THR A 225 12.32 7.58 13.51
CA THR A 225 12.42 8.51 14.61
C THR A 225 13.71 9.29 14.45
N PHE A 226 13.66 10.60 14.65
CA PHE A 226 14.83 11.45 14.46
C PHE A 226 15.10 12.25 15.73
N GLY A 227 16.37 12.51 16.02
CA GLY A 227 16.76 13.26 17.20
C GLY A 227 17.00 14.72 16.86
N ALA A 228 17.43 15.47 17.87
CA ALA A 228 17.61 16.91 17.69
C ALA A 228 18.71 17.23 16.68
N GLU A 229 19.77 16.44 16.67
CA GLU A 229 20.87 16.68 15.74
C GLU A 229 20.42 16.57 14.29
N VAL A 230 19.43 15.70 14.01
CA VAL A 230 18.95 15.59 12.63
C VAL A 230 18.22 16.85 12.26
N VAL A 231 17.60 17.49 13.24
CA VAL A 231 16.80 18.66 12.98
C VAL A 231 17.71 19.84 12.74
N ALA A 232 18.78 19.95 13.54
CA ALA A 232 19.64 21.10 13.39
C ALA A 232 20.44 21.01 12.10
N LYS A 233 20.91 19.81 11.76
CA LYS A 233 21.65 19.66 10.52
C LYS A 233 20.74 19.95 9.32
N PHE A 234 19.47 19.54 9.39
CA PHE A 234 18.52 19.82 8.31
C PHE A 234 18.33 21.31 8.11
N LEU A 235 17.95 22.00 9.19
CA LEU A 235 17.76 23.44 9.14
C LEU A 235 18.97 24.15 8.57
N HIS A 236 20.19 23.76 8.98
CA HIS A 236 21.36 24.47 8.48
C HIS A 236 21.62 24.19 7.01
N LYS A 237 21.36 22.96 6.56
CA LYS A 237 21.57 22.63 5.16
C LYS A 237 20.63 23.45 4.28
N HIS A 238 19.38 23.64 4.72
CA HIS A 238 18.41 24.32 3.88
C HIS A 238 18.16 25.77 4.30
N ASP A 239 18.95 26.30 5.21
CA ASP A 239 18.83 27.71 5.59
C ASP A 239 17.42 28.01 6.10
N LEU A 240 16.89 27.08 6.89
CA LEU A 240 15.55 27.18 7.48
C LEU A 240 15.66 27.56 8.95
N ASP A 241 14.53 27.90 9.56
CA ASP A 241 14.48 28.40 10.93
C ASP A 241 13.65 27.57 11.89
N LEU A 242 12.66 26.83 11.41
CA LEU A 242 11.72 26.13 12.27
C LEU A 242 11.05 25.03 11.49
N ILE A 243 11.01 23.83 12.05
CA ILE A 243 10.14 22.77 11.55
C ILE A 243 8.82 22.84 12.30
N CYS A 244 7.73 22.74 11.55
CA CYS A 244 6.41 22.87 12.10
C CYS A 244 5.64 21.64 11.66
N ARG A 245 5.39 20.73 12.58
CA ARG A 245 4.67 19.51 12.22
C ARG A 245 3.61 19.26 13.29
N ALA A 246 2.89 18.16 13.12
CA ALA A 246 1.68 18.01 13.92
C ALA A 246 1.14 16.62 13.79
N HIS A 247 1.56 15.69 14.64
CA HIS A 247 1.14 14.35 14.36
C HIS A 247 0.80 13.53 15.59
N GLN A 248 1.10 14.04 16.77
CA GLN A 248 0.86 13.34 18.02
C GLN A 248 0.31 14.32 19.04
N VAL A 249 -0.63 13.84 19.88
CA VAL A 249 -1.21 14.67 20.92
C VAL A 249 -0.12 15.26 21.79
N VAL A 250 -0.29 16.52 22.18
CA VAL A 250 0.55 17.11 23.20
C VAL A 250 -0.38 17.78 24.20
N GLU A 251 0.04 17.82 25.47
CA GLU A 251 -0.88 18.22 26.52
C GLU A 251 -1.23 19.71 26.46
N ASP A 252 -0.27 20.55 26.13
CA ASP A 252 -0.52 21.99 26.10
C ASP A 252 -1.01 22.48 24.74
N GLY A 253 -1.29 21.55 23.81
CA GLY A 253 -1.71 21.87 22.47
C GLY A 253 -0.57 22.10 21.50
N TYR A 254 0.53 22.67 21.97
CA TYR A 254 1.75 22.81 21.22
C TYR A 254 2.90 22.26 22.06
N GLU A 255 4.02 21.94 21.41
CA GLU A 255 5.15 21.44 22.18
C GLU A 255 6.43 21.73 21.43
N PHE A 256 7.42 22.25 22.14
CA PHE A 256 8.68 22.59 21.54
C PHE A 256 9.66 21.44 21.64
N PHE A 257 10.59 21.41 20.69
CA PHE A 257 11.56 20.33 20.61
C PHE A 257 12.86 20.89 20.04
N ALA A 258 13.99 20.35 20.52
CA ALA A 258 15.30 20.78 20.05
C ALA A 258 15.49 22.28 20.23
N LYS A 259 15.13 22.77 21.42
CA LYS A 259 15.28 24.18 21.77
C LYS A 259 14.60 25.09 20.75
N ARG A 260 13.28 24.89 20.63
CA ARG A 260 12.43 25.70 19.76
C ARG A 260 12.90 25.68 18.30
N GLN A 261 13.55 24.59 17.88
CA GLN A 261 13.83 24.38 16.45
C GLN A 261 12.76 23.57 15.73
N LEU A 262 11.94 22.83 16.48
CA LEU A 262 10.77 22.16 15.94
C LEU A 262 9.61 22.39 16.89
N VAL A 263 8.39 22.35 16.36
CA VAL A 263 7.20 22.48 17.17
C VAL A 263 6.15 21.51 16.67
N THR A 264 5.43 20.91 17.62
CA THR A 264 4.32 20.01 17.34
C THR A 264 3.02 20.75 17.66
N LEU A 265 2.08 20.73 16.72
CA LEU A 265 0.77 21.35 16.93
C LEU A 265 -0.31 20.28 16.98
N PHE A 266 -1.33 20.48 17.80
CA PHE A 266 -2.45 19.55 17.86
C PHE A 266 -3.69 20.36 18.21
N SER A 267 -4.63 20.44 17.29
CA SER A 267 -5.72 21.38 17.40
C SER A 267 -7.05 20.76 17.82
N ALA A 268 -7.07 19.47 18.18
CA ALA A 268 -8.32 18.83 18.58
C ALA A 268 -8.35 18.61 20.10
N PRO A 269 -9.04 19.46 20.87
CA PRO A 269 -8.97 19.35 22.33
C PRO A 269 -9.72 18.15 22.87
N ASN A 270 -9.31 17.65 24.01
CA ASN A 270 -9.89 16.46 24.70
C ASN A 270 -10.04 15.35 23.67
N TYR A 271 -8.93 14.94 23.09
CA TYR A 271 -8.89 14.05 21.93
C TYR A 271 -9.64 12.74 22.13
N CYS A 272 -10.76 12.59 21.40
CA CYS A 272 -11.77 11.55 21.56
C CYS A 272 -12.09 11.18 23.01
N GLY A 273 -12.02 12.15 23.92
CA GLY A 273 -12.45 11.95 25.30
C GLY A 273 -11.48 11.11 26.13
N GLU A 274 -10.63 10.35 25.45
CA GLU A 274 -9.61 9.56 26.14
C GLU A 274 -8.60 10.45 26.86
N PHE A 275 -8.29 11.63 26.30
CA PHE A 275 -7.29 12.57 26.81
C PHE A 275 -7.94 13.77 27.47
N ASP A 276 -7.10 14.70 27.95
CA ASP A 276 -7.58 15.97 28.50
C ASP A 276 -6.75 17.13 27.98
N ASN A 277 -6.23 17.01 26.76
CA ASN A 277 -5.31 17.96 26.17
C ASN A 277 -6.05 19.16 25.63
N ALA A 278 -5.34 20.29 25.55
CA ALA A 278 -5.85 21.47 24.86
C ALA A 278 -5.42 21.44 23.40
N GLY A 279 -6.10 22.22 22.59
CA GLY A 279 -5.75 22.37 21.19
C GLY A 279 -5.03 23.69 20.95
N ALA A 280 -4.17 23.72 19.94
CA ALA A 280 -3.37 24.92 19.73
C ALA A 280 -3.22 25.20 18.25
N MET A 281 -2.92 26.45 17.95
CA MET A 281 -2.72 26.87 16.57
C MET A 281 -1.69 27.97 16.61
N MET A 282 -0.82 28.01 15.61
CA MET A 282 0.30 28.94 15.63
C MET A 282 0.02 30.10 14.69
N SER A 283 0.06 31.30 15.22
CA SER A 283 -0.16 32.50 14.43
C SER A 283 1.19 33.11 14.12
N VAL A 284 1.51 33.20 12.84
CA VAL A 284 2.75 33.79 12.38
C VAL A 284 2.38 35.04 11.58
N ASP A 285 2.87 36.21 12.01
CA ASP A 285 2.53 37.47 11.35
C ASP A 285 3.45 37.73 10.16
N GLU A 286 3.44 38.97 9.65
CA GLU A 286 4.22 39.27 8.45
C GLU A 286 5.72 39.15 8.72
N THR A 287 6.21 39.64 9.86
CA THR A 287 7.64 39.63 10.19
C THR A 287 8.13 38.27 10.65
N LEU A 288 7.33 37.22 10.48
CA LEU A 288 7.66 35.86 10.89
C LEU A 288 7.76 35.72 12.40
N MET A 289 7.02 36.54 13.14
CA MET A 289 6.96 36.44 14.59
C MET A 289 5.82 35.51 14.99
N CYS A 290 6.13 34.47 15.75
CA CYS A 290 5.20 33.38 16.05
C CYS A 290 4.65 33.47 17.47
N SER A 291 3.36 33.20 17.61
CA SER A 291 2.70 33.07 18.89
C SER A 291 1.70 31.93 18.79
N PHE A 292 1.08 31.57 19.92
CA PHE A 292 0.14 30.46 19.94
C PHE A 292 -1.21 30.91 20.47
N GLN A 293 -2.27 30.33 19.92
CA GLN A 293 -3.63 30.54 20.37
C GLN A 293 -4.19 29.19 20.76
N ILE A 294 -4.74 29.10 21.97
CA ILE A 294 -5.05 27.80 22.56
C ILE A 294 -6.52 27.71 22.93
N LEU A 295 -7.08 26.49 22.81
CA LEU A 295 -8.41 26.12 23.28
C LEU A 295 -8.25 25.16 24.44
N LYS A 296 -8.32 25.70 25.68
CA LYS A 296 -8.27 24.88 26.88
C LYS A 296 -9.69 24.52 27.31
N PRO A 297 -10.00 23.23 27.48
CA PRO A 297 -11.32 22.84 27.95
C PRO A 297 -11.48 22.92 29.47
N ALA A 298 -12.74 22.96 29.89
CA ALA A 298 -13.10 23.28 31.28
C ALA A 298 -12.56 22.29 32.30
N LYS B 19 14.47 38.45 6.29
CA LYS B 19 13.38 38.04 7.19
C LYS B 19 13.70 36.73 7.94
N ARG B 20 13.27 36.61 9.20
CA ARG B 20 13.74 35.51 10.04
C ARG B 20 12.80 35.31 11.23
N VAL B 21 12.63 34.04 11.64
CA VAL B 21 11.64 33.63 12.65
C VAL B 21 12.06 34.05 14.05
N VAL B 22 11.10 34.55 14.83
CA VAL B 22 11.33 34.97 16.21
C VAL B 22 10.05 34.76 17.02
N PHE B 23 10.16 34.25 18.24
CA PHE B 23 8.95 34.01 19.03
C PHE B 23 8.63 35.20 19.93
N ALA B 24 7.36 35.26 20.36
CA ALA B 24 6.86 36.42 21.09
C ALA B 24 7.54 36.60 22.44
N ASP B 25 7.91 35.50 23.11
CA ASP B 25 8.75 35.57 24.30
C ASP B 25 9.90 36.54 24.12
N SER B 26 10.60 36.41 22.98
CA SER B 26 11.87 37.09 22.75
C SER B 26 11.73 38.59 22.70
N LYS B 27 10.57 39.11 22.28
CA LYS B 27 10.36 40.55 22.19
C LYS B 27 9.35 41.03 23.25
N GLY B 28 9.32 40.36 24.41
CA GLY B 28 8.53 40.79 25.56
C GLY B 28 7.06 40.43 25.60
N LEU B 29 6.41 40.17 24.47
CA LEU B 29 4.98 39.88 24.47
C LEU B 29 4.70 38.45 24.96
N SER B 30 3.41 38.14 25.13
CA SER B 30 3.02 36.80 25.55
C SER B 30 3.21 35.81 24.40
N LEU B 31 3.75 34.65 24.74
CA LEU B 31 3.85 33.57 23.75
C LEU B 31 2.50 32.94 23.51
N THR B 32 1.77 32.68 24.58
CA THR B 32 0.53 31.94 24.55
C THR B 32 -0.63 32.87 24.86
N ALA B 33 -1.79 32.60 24.25
CA ALA B 33 -3.02 33.32 24.56
C ALA B 33 -4.18 32.33 24.59
N ILE B 34 -4.65 31.96 25.78
CA ILE B 34 -5.49 30.77 25.93
C ILE B 34 -6.91 31.20 26.24
N HIS B 35 -7.85 30.70 25.44
CA HIS B 35 -9.26 30.90 25.66
C HIS B 35 -9.86 29.60 26.20
N VAL B 36 -10.68 29.70 27.26
CA VAL B 36 -11.28 28.51 27.88
C VAL B 36 -12.73 28.39 27.44
N PHE B 37 -13.14 27.17 27.08
CA PHE B 37 -14.44 26.88 26.48
C PHE B 37 -15.13 25.75 27.24
N SER B 38 -16.39 25.48 26.86
CA SER B 38 -17.17 24.40 27.49
C SER B 38 -18.21 23.76 26.55
N ASP B 47 -24.82 32.22 15.97
CA ASP B 47 -25.66 32.71 14.87
C ASP B 47 -24.84 33.17 13.65
N LEU B 48 -25.38 32.90 12.46
CA LEU B 48 -24.74 33.26 11.20
C LEU B 48 -24.73 34.77 10.99
N GLN B 49 -23.71 35.25 10.28
CA GLN B 49 -23.65 36.66 9.90
C GLN B 49 -23.01 36.77 8.53
N PHE B 50 -23.59 37.58 7.65
CA PHE B 50 -23.13 37.66 6.27
C PHE B 50 -22.42 38.97 5.99
N ASP B 51 -21.45 38.90 5.09
CA ASP B 51 -20.69 40.05 4.69
C ASP B 51 -20.49 39.97 3.18
N LEU B 52 -20.22 41.11 2.56
CA LEU B 52 -19.84 41.17 1.16
C LEU B 52 -18.41 41.71 1.10
N LEU B 53 -17.60 41.09 0.27
CA LEU B 53 -16.16 41.28 0.28
C LEU B 53 -15.65 41.51 -1.14
N ASP B 54 -14.77 42.51 -1.32
CA ASP B 54 -14.07 42.69 -2.59
C ASP B 54 -12.84 41.79 -2.59
N LEU B 55 -12.81 40.81 -3.48
CA LEU B 55 -11.73 39.82 -3.41
C LEU B 55 -10.40 40.36 -3.90
N ASN B 56 -10.35 41.59 -4.42
CA ASN B 56 -9.07 42.18 -4.79
C ASN B 56 -8.37 42.82 -3.59
N ASP B 57 -9.11 43.09 -2.51
CA ASP B 57 -8.53 43.66 -1.30
C ASP B 57 -7.80 42.64 -0.44
N ILE B 58 -7.92 41.35 -0.72
CA ILE B 58 -7.09 40.32 -0.09
C ILE B 58 -6.12 39.82 -1.14
N SER B 59 -4.86 39.69 -0.76
CA SER B 59 -3.84 39.29 -1.72
C SER B 59 -3.48 37.83 -1.51
N SER B 60 -2.99 37.21 -2.58
CA SER B 60 -2.68 35.79 -2.55
C SER B 60 -1.55 35.49 -1.57
N ALA B 61 -1.63 34.32 -0.95
CA ALA B 61 -0.61 33.83 -0.03
C ALA B 61 0.35 32.86 -0.70
N LEU B 62 0.15 32.58 -1.98
CA LEU B 62 0.93 31.63 -2.75
C LEU B 62 1.93 32.33 -3.68
N LYS B 63 3.12 31.76 -3.80
CA LYS B 63 4.14 32.22 -4.75
C LYS B 63 4.18 31.30 -5.98
N HIS B 64 4.28 31.91 -7.16
CA HIS B 64 4.48 31.14 -8.41
C HIS B 64 5.43 31.87 -9.35
N ASN B 69 0.63 25.98 -17.41
CA ASN B 69 0.34 24.53 -17.40
C ASN B 69 -1.15 24.18 -17.65
N LEU B 70 -1.38 22.87 -17.74
CA LEU B 70 -2.66 22.26 -18.11
C LEU B 70 -2.95 21.09 -17.18
N ILE B 71 -4.24 20.82 -16.94
CA ILE B 71 -4.65 19.66 -16.16
C ILE B 71 -5.98 19.11 -16.65
N LEU B 72 -6.24 17.84 -16.31
CA LEU B 72 -7.49 17.15 -16.61
C LEU B 72 -8.52 17.44 -15.51
N ASP B 73 -9.76 17.72 -15.92
CA ASP B 73 -10.80 18.08 -14.95
C ASP B 73 -11.72 16.91 -14.65
N PHE B 74 -11.14 15.72 -14.51
CA PHE B 74 -11.90 14.50 -14.26
C PHE B 74 -10.94 13.42 -13.79
N PRO B 75 -11.35 12.55 -12.90
CA PRO B 75 -10.48 11.42 -12.58
C PRO B 75 -10.60 10.40 -13.70
N GLN B 76 -9.49 9.72 -13.96
CA GLN B 76 -9.49 8.68 -14.98
C GLN B 76 -10.66 7.72 -14.75
N PRO B 77 -11.51 7.48 -15.76
CA PRO B 77 -12.71 6.66 -15.53
C PRO B 77 -12.42 5.32 -14.86
N SER B 78 -11.22 4.77 -15.10
CA SER B 78 -10.85 3.45 -14.63
C SER B 78 -10.52 3.40 -13.15
N THR B 79 -10.39 4.56 -12.49
CA THR B 79 -10.10 4.58 -11.06
C THR B 79 -11.18 3.88 -10.26
N ASP B 80 -12.44 4.00 -10.70
CA ASP B 80 -13.58 3.34 -10.05
C ASP B 80 -14.12 2.27 -11.02
N TYR B 81 -13.65 1.02 -10.85
CA TYR B 81 -13.89 0.02 -11.87
C TYR B 81 -15.37 -0.28 -12.03
N LEU B 82 -16.14 -0.23 -10.95
CA LEU B 82 -17.55 -0.60 -11.05
C LEU B 82 -18.31 0.38 -11.94
N SER B 83 -18.04 1.67 -11.79
CA SER B 83 -18.75 2.60 -12.67
C SER B 83 -18.18 2.56 -14.09
N PHE B 84 -16.87 2.31 -14.24
CA PHE B 84 -16.31 2.15 -15.58
C PHE B 84 -16.99 1.00 -16.31
N ARG B 85 -17.15 -0.13 -15.63
CA ARG B 85 -17.85 -1.29 -16.18
C ARG B 85 -19.30 -0.93 -16.52
N SER B 86 -19.95 -0.15 -15.66
CA SER B 86 -21.35 0.21 -15.91
C SER B 86 -21.47 1.04 -17.18
N HIS B 87 -20.64 2.09 -17.33
CA HIS B 87 -20.62 2.86 -18.56
C HIS B 87 -20.24 1.99 -19.77
N PHE B 88 -19.17 1.20 -19.63
CA PHE B 88 -18.71 0.44 -20.79
C PHE B 88 -19.75 -0.54 -21.28
N GLN B 89 -20.48 -1.19 -20.36
CA GLN B 89 -21.51 -2.12 -20.81
C GLN B 89 -22.78 -1.42 -21.22
N LYS B 90 -22.98 -0.14 -20.85
CA LYS B 90 -24.18 0.53 -21.32
C LYS B 90 -23.99 1.13 -22.72
N ASN B 91 -22.82 1.73 -22.97
CA ASN B 91 -22.56 2.45 -24.20
C ASN B 91 -21.64 1.73 -25.17
N PHE B 92 -21.06 0.59 -24.80
CA PHE B 92 -20.15 -0.20 -25.62
C PHE B 92 -18.81 0.48 -25.89
N VAL B 93 -18.63 1.72 -25.46
CA VAL B 93 -17.35 2.42 -25.55
C VAL B 93 -17.20 3.28 -24.30
N CYS B 94 -15.98 3.31 -23.77
CA CYS B 94 -15.69 4.12 -22.60
C CYS B 94 -14.21 4.46 -22.56
N LEU B 95 -13.91 5.71 -22.20
CA LEU B 95 -12.52 6.11 -22.00
C LEU B 95 -11.93 5.31 -20.86
N GLU B 96 -10.77 4.69 -21.09
CA GLU B 96 -10.16 3.89 -20.03
C GLU B 96 -9.15 4.69 -19.22
N ASN B 97 -8.14 5.24 -19.90
CA ASN B 97 -7.10 5.96 -19.18
C ASN B 97 -6.73 7.20 -19.95
N CYS B 98 -6.32 8.23 -19.24
CA CYS B 98 -6.04 9.48 -19.93
C CYS B 98 -5.03 10.27 -19.13
N SER B 99 -3.88 10.55 -19.75
CA SER B 99 -2.85 11.37 -19.15
C SER B 99 -2.50 12.53 -20.07
N LEU B 100 -1.96 13.58 -19.48
CA LEU B 100 -1.61 14.82 -20.18
C LEU B 100 -0.09 14.94 -20.13
N GLN B 101 0.58 14.50 -21.20
CA GLN B 101 2.03 14.37 -21.22
C GLN B 101 2.56 15.55 -22.04
N GLU B 102 3.26 16.47 -21.37
CA GLU B 102 3.64 17.79 -21.93
C GLU B 102 2.34 18.54 -22.23
N ARG B 103 2.22 19.24 -23.36
CA ARG B 103 0.89 19.75 -23.73
C ARG B 103 0.37 18.89 -24.88
N THR B 104 0.35 17.59 -24.61
CA THR B 104 -0.20 16.55 -25.48
C THR B 104 -1.05 15.63 -24.62
N VAL B 105 -2.28 15.38 -25.04
CA VAL B 105 -3.19 14.52 -24.29
C VAL B 105 -3.17 13.15 -24.93
N THR B 106 -2.93 12.12 -24.12
CA THR B 106 -2.76 10.76 -24.62
C THR B 106 -3.63 9.83 -23.79
N GLY B 107 -4.20 8.81 -24.43
CA GLY B 107 -5.08 7.95 -23.68
C GLY B 107 -5.39 6.62 -24.33
N THR B 108 -6.21 5.85 -23.63
CA THR B 108 -6.71 4.56 -24.08
C THR B 108 -8.22 4.50 -23.91
N VAL B 109 -8.87 3.90 -24.92
CA VAL B 109 -10.32 3.76 -25.06
C VAL B 109 -10.65 2.27 -25.16
N LYS B 110 -11.69 1.84 -24.46
CA LYS B 110 -12.12 0.43 -24.50
C LYS B 110 -13.41 0.34 -25.28
N VAL B 111 -13.52 -0.70 -26.12
CA VAL B 111 -14.69 -0.89 -27.00
C VAL B 111 -15.08 -2.35 -27.00
N LYS B 112 -16.38 -2.60 -27.15
CA LYS B 112 -16.90 -3.96 -27.21
C LYS B 112 -16.66 -4.52 -28.61
N ASN B 113 -16.27 -5.78 -28.66
CA ASN B 113 -15.84 -6.34 -29.95
C ASN B 113 -17.06 -6.91 -30.64
N VAL B 114 -17.81 -6.04 -31.30
CA VAL B 114 -19.06 -6.37 -31.98
C VAL B 114 -18.79 -6.84 -33.42
N SER B 115 -17.90 -6.20 -34.16
CA SER B 115 -17.52 -6.74 -35.47
C SER B 115 -16.00 -6.79 -35.57
N PHE B 116 -15.48 -7.11 -36.76
CA PHE B 116 -14.03 -7.20 -36.91
C PHE B 116 -13.43 -5.84 -37.25
N GLU B 117 -14.02 -5.15 -38.23
CA GLU B 117 -13.58 -3.81 -38.57
C GLU B 117 -14.24 -2.75 -37.69
N LYS B 118 -13.42 -1.86 -37.15
CA LYS B 118 -13.88 -0.82 -36.24
C LYS B 118 -13.22 0.50 -36.60
N LYS B 119 -13.86 1.60 -36.21
CA LYS B 119 -13.27 2.93 -36.36
C LYS B 119 -13.54 3.66 -35.05
N VAL B 120 -12.50 3.91 -34.25
CA VAL B 120 -12.65 4.61 -32.98
C VAL B 120 -12.03 6.00 -33.15
N GLN B 121 -12.83 7.05 -32.88
CA GLN B 121 -12.42 8.44 -33.07
C GLN B 121 -12.57 9.24 -31.78
N ILE B 122 -11.63 10.15 -31.54
CA ILE B 122 -11.76 11.17 -30.51
C ILE B 122 -12.22 12.43 -31.21
N ARG B 123 -13.32 13.02 -30.77
CA ARG B 123 -13.83 14.27 -31.31
C ARG B 123 -13.57 15.38 -30.31
N ILE B 124 -12.72 16.32 -30.67
CA ILE B 124 -12.20 17.26 -29.70
C ILE B 124 -12.35 18.70 -30.19
N THR B 125 -12.53 19.62 -29.24
CA THR B 125 -12.66 21.05 -29.48
C THR B 125 -11.73 21.85 -28.57
N PHE B 126 -11.12 22.87 -29.15
CA PHE B 126 -10.31 23.84 -28.43
C PHE B 126 -10.97 25.21 -28.35
N ASP B 127 -12.26 25.32 -28.67
CA ASP B 127 -12.92 26.62 -28.70
C ASP B 127 -14.42 26.48 -28.43
N SER B 128 -14.77 25.77 -27.37
CA SER B 128 -16.15 25.74 -26.89
C SER B 128 -17.13 25.31 -27.98
N TRP B 129 -16.67 24.38 -28.81
CA TRP B 129 -17.48 23.70 -29.83
C TRP B 129 -17.87 24.60 -30.99
N LYS B 130 -17.19 25.74 -31.17
CA LYS B 130 -17.34 26.49 -32.42
C LYS B 130 -16.71 25.72 -33.58
N ASN B 131 -15.64 24.95 -33.31
CA ASN B 131 -15.10 23.95 -34.23
C ASN B 131 -14.67 22.72 -33.44
N TYR B 132 -14.61 21.59 -34.14
CA TYR B 132 -14.05 20.35 -33.60
C TYR B 132 -13.30 19.63 -34.71
N THR B 133 -12.48 18.67 -34.30
CA THR B 133 -11.77 17.83 -35.24
C THR B 133 -11.76 16.41 -34.71
N ASP B 134 -11.73 15.45 -35.64
CA ASP B 134 -11.87 14.03 -35.36
C ASP B 134 -10.51 13.38 -35.54
N VAL B 135 -9.93 12.96 -34.47
CA VAL B 135 -8.68 12.24 -34.46
C VAL B 135 -9.00 10.75 -34.51
N ASP B 136 -8.28 10.02 -35.35
CA ASP B 136 -8.46 8.57 -35.46
C ASP B 136 -7.62 7.92 -34.38
N CYS B 137 -8.14 6.85 -33.78
CA CYS B 137 -7.44 6.05 -32.77
C CYS B 137 -6.77 4.84 -33.41
N VAL B 138 -5.91 4.18 -32.64
CA VAL B 138 -5.05 3.10 -33.14
C VAL B 138 -5.31 1.82 -32.35
N TYR B 139 -5.38 0.68 -33.05
CA TYR B 139 -5.53 -0.60 -32.37
C TYR B 139 -4.26 -0.97 -31.64
N MET B 140 -4.41 -1.51 -30.45
CA MET B 140 -3.30 -1.95 -29.62
C MET B 140 -3.32 -3.47 -29.52
N LYS B 141 -2.15 -4.10 -29.51
CA LYS B 141 -2.11 -5.56 -29.61
C LYS B 141 -2.86 -6.09 -28.39
N ASN B 142 -2.41 -5.67 -27.21
CA ASN B 142 -3.04 -6.05 -25.93
C ASN B 142 -3.34 -7.54 -25.75
N VAL B 143 -2.28 -8.32 -25.65
CA VAL B 143 -2.42 -9.77 -25.51
C VAL B 143 -3.45 -10.28 -24.51
N TYR B 144 -3.49 -9.67 -23.32
CA TYR B 144 -4.52 -9.95 -22.32
C TYR B 144 -5.53 -8.79 -22.29
N GLY B 145 -6.74 -9.10 -21.84
CA GLY B 145 -7.84 -8.15 -21.90
C GLY B 145 -9.04 -8.81 -22.54
N GLY B 146 -8.99 -10.11 -22.81
CA GLY B 146 -10.13 -10.86 -23.28
C GLY B 146 -10.40 -10.67 -24.76
N THR B 147 -11.21 -11.58 -25.30
CA THR B 147 -11.72 -11.48 -26.65
C THR B 147 -13.12 -10.89 -26.71
N ASP B 148 -13.54 -10.18 -25.66
CA ASP B 148 -14.82 -9.51 -25.65
C ASP B 148 -14.68 -8.00 -25.81
N SER B 149 -13.51 -7.47 -25.53
CA SER B 149 -13.25 -6.05 -25.69
C SER B 149 -11.92 -5.89 -26.40
N ASP B 150 -11.78 -4.75 -27.09
CA ASP B 150 -10.49 -4.35 -27.64
C ASP B 150 -10.22 -2.92 -27.19
N THR B 151 -8.94 -2.54 -27.22
CA THR B 151 -8.55 -1.24 -26.72
C THR B 151 -7.74 -0.51 -27.78
N PHE B 152 -7.99 0.79 -27.88
CA PHE B 152 -7.42 1.69 -28.86
C PHE B 152 -6.70 2.82 -28.14
N SER B 153 -5.65 3.34 -28.75
CA SER B 153 -4.86 4.43 -28.20
C SER B 153 -5.10 5.71 -28.97
N PHE B 154 -4.81 6.83 -28.33
CA PHE B 154 -4.83 8.10 -29.04
C PHE B 154 -3.79 9.03 -28.45
N ALA B 155 -3.35 9.99 -29.27
CA ALA B 155 -2.50 11.07 -28.79
C ALA B 155 -2.75 12.32 -29.64
N ILE B 156 -3.02 13.43 -28.97
CA ILE B 156 -3.44 14.67 -29.61
C ILE B 156 -2.56 15.80 -29.10
N ASP B 157 -1.93 16.52 -30.01
CA ASP B 157 -1.16 17.70 -29.62
C ASP B 157 -2.09 18.87 -29.42
N LEU B 158 -2.01 19.49 -28.27
CA LEU B 158 -2.84 20.67 -28.06
C LEU B 158 -2.23 21.87 -28.78
N PRO B 159 -3.05 22.85 -29.17
CA PRO B 159 -2.50 24.03 -29.84
C PRO B 159 -1.55 24.77 -28.89
N PRO B 160 -0.56 25.46 -29.45
CA PRO B 160 0.40 26.16 -28.58
C PRO B 160 -0.27 27.20 -27.70
N VAL B 161 -1.11 28.05 -28.29
CA VAL B 161 -1.78 29.12 -27.57
C VAL B 161 -3.29 28.89 -27.66
N ILE B 162 -3.97 28.95 -26.51
CA ILE B 162 -5.41 28.77 -26.43
C ILE B 162 -5.91 29.88 -25.52
N PRO B 163 -6.81 30.76 -25.99
CA PRO B 163 -7.26 31.86 -25.15
C PRO B 163 -7.94 31.34 -23.89
N THR B 164 -7.77 32.09 -22.81
CA THR B 164 -8.14 31.59 -21.49
C THR B 164 -9.64 31.38 -21.33
N GLU B 165 -10.45 32.15 -22.06
CA GLU B 165 -11.90 32.04 -21.99
C GLU B 165 -12.46 30.84 -22.77
N GLN B 166 -11.66 30.22 -23.61
CA GLN B 166 -12.11 29.07 -24.40
C GLN B 166 -12.11 27.79 -23.56
N LYS B 167 -13.03 26.89 -23.90
CA LYS B 167 -13.18 25.58 -23.27
C LYS B 167 -12.54 24.51 -24.15
N ILE B 168 -11.91 23.52 -23.52
CA ILE B 168 -11.31 22.40 -24.24
C ILE B 168 -12.07 21.14 -23.82
N GLU B 169 -12.74 20.50 -24.77
CA GLU B 169 -13.54 19.33 -24.42
C GLU B 169 -13.38 18.28 -25.49
N PHE B 170 -13.61 17.03 -25.12
CA PHE B 170 -13.56 15.97 -26.12
C PHE B 170 -14.49 14.83 -25.73
N CYS B 171 -14.91 14.07 -26.74
CA CYS B 171 -15.75 12.89 -26.56
C CYS B 171 -15.28 11.81 -27.53
N ILE B 172 -15.91 10.63 -27.48
CA ILE B 172 -15.40 9.44 -28.16
C ILE B 172 -16.50 8.76 -28.99
N SER B 173 -16.23 8.54 -30.27
CA SER B 173 -17.10 7.80 -31.16
C SER B 173 -16.51 6.45 -31.47
N TYR B 174 -17.37 5.45 -31.65
CA TYR B 174 -17.02 4.08 -32.00
C TYR B 174 -17.96 3.64 -33.10
N HIS B 175 -17.42 3.38 -34.29
CA HIS B 175 -18.20 2.94 -35.45
C HIS B 175 -17.94 1.46 -35.67
N ALA B 176 -19.01 0.67 -35.67
CA ALA B 176 -18.85 -0.76 -35.95
C ALA B 176 -20.22 -1.36 -36.23
N ASN B 177 -20.22 -2.40 -37.07
CA ASN B 177 -21.38 -3.27 -37.24
C ASN B 177 -22.64 -2.51 -37.68
N GLY B 178 -22.47 -1.43 -38.44
CA GLY B 178 -23.60 -0.68 -38.92
C GLY B 178 -24.16 0.32 -37.94
N GLN B 179 -23.46 0.56 -36.84
CA GLN B 179 -23.93 1.44 -35.78
C GLN B 179 -22.83 2.37 -35.32
N VAL B 180 -23.26 3.42 -34.61
CA VAL B 180 -22.36 4.37 -33.98
C VAL B 180 -22.67 4.38 -32.49
N PHE B 181 -21.61 4.37 -31.68
CA PHE B 181 -21.68 4.41 -30.23
C PHE B 181 -20.87 5.61 -29.76
N TRP B 182 -21.27 6.21 -28.63
CA TRP B 182 -20.61 7.40 -28.09
C TRP B 182 -20.34 7.23 -26.60
N ASP B 183 -19.15 7.64 -26.18
CA ASP B 183 -18.88 7.99 -24.80
C ASP B 183 -18.76 9.50 -24.73
N ASN B 184 -19.73 10.15 -24.08
CA ASN B 184 -19.70 11.60 -23.94
C ASN B 184 -19.69 11.98 -22.46
N ASN B 185 -19.21 11.08 -21.61
CA ASN B 185 -19.10 11.29 -20.17
C ASN B 185 -20.45 11.70 -19.59
N ASP B 186 -21.46 10.86 -19.83
CA ASP B 186 -22.82 11.11 -19.34
C ASP B 186 -23.33 12.49 -19.72
N GLY B 187 -22.88 13.00 -20.87
CA GLY B 187 -23.35 14.27 -21.40
C GLY B 187 -22.59 15.52 -20.98
N GLN B 188 -21.48 15.40 -20.26
CA GLN B 188 -20.66 16.54 -19.88
C GLN B 188 -19.40 16.68 -20.73
N ASN B 189 -19.04 15.66 -21.50
CA ASN B 189 -17.78 15.56 -22.21
C ASN B 189 -16.60 15.53 -21.23
N TYR B 190 -15.44 15.13 -21.72
CA TYR B 190 -14.22 15.15 -20.93
C TYR B 190 -13.56 16.50 -21.14
N ARG B 191 -13.34 17.25 -20.06
CA ARG B 191 -12.93 18.65 -20.15
C ARG B 191 -11.50 18.77 -19.66
N ILE B 192 -10.78 19.72 -20.24
CA ILE B 192 -9.38 19.98 -19.87
C ILE B 192 -9.28 21.47 -19.60
N VAL B 193 -8.67 21.83 -18.47
CA VAL B 193 -8.66 23.22 -18.03
C VAL B 193 -7.22 23.72 -18.02
N HIS B 194 -7.06 25.00 -18.36
CA HIS B 194 -5.77 25.63 -18.55
C HIS B 194 -5.43 26.65 -17.47
N VAL B 195 -4.11 26.87 -17.28
CA VAL B 195 -3.50 27.78 -16.29
C VAL B 195 -4.37 28.09 -15.06
N LEU C 6 21.98 -23.39 11.12
CA LEU C 6 20.58 -23.42 11.58
C LEU C 6 20.17 -24.86 11.87
N ASN C 7 19.69 -25.18 13.07
CA ASN C 7 19.29 -26.55 13.35
C ASN C 7 17.78 -26.68 13.33
N LEU C 8 17.26 -27.08 12.16
CA LEU C 8 15.82 -27.23 11.96
C LEU C 8 15.21 -28.22 12.93
N ASP C 9 15.88 -29.36 13.15
CA ASP C 9 15.25 -30.44 13.92
C ASP C 9 15.11 -30.05 15.39
N SER C 10 16.04 -29.24 15.92
CA SER C 10 15.88 -28.72 17.27
C SER C 10 14.72 -27.73 17.35
N ILE C 11 14.57 -26.89 16.31
CA ILE C 11 13.49 -25.92 16.32
C ILE C 11 12.14 -26.64 16.32
N ILE C 12 11.90 -27.50 15.33
CA ILE C 12 10.61 -28.21 15.27
C ILE C 12 10.37 -28.98 16.55
N GLY C 13 11.40 -29.62 17.10
CA GLY C 13 11.23 -30.31 18.37
C GLY C 13 10.72 -29.40 19.47
N ARG C 14 11.36 -28.24 19.64
CA ARG C 14 10.97 -27.32 20.70
C ARG C 14 9.56 -26.79 20.47
N LEU C 15 9.21 -26.48 19.22
CA LEU C 15 7.88 -25.94 18.93
C LEU C 15 6.79 -26.95 19.23
N LEU C 16 7.04 -28.24 19.00
CA LEU C 16 6.02 -29.27 19.23
C LEU C 16 5.93 -29.75 20.67
N GLU C 17 6.45 -28.99 21.64
CA GLU C 17 6.32 -29.44 23.02
C GLU C 17 5.44 -28.50 23.84
N VAL C 18 4.20 -28.30 23.39
CA VAL C 18 3.21 -27.51 24.10
C VAL C 18 1.85 -28.00 23.61
N GLN C 28 10.21 -19.42 23.42
CA GLN C 28 11.52 -19.88 23.86
C GLN C 28 12.44 -20.23 22.67
N LEU C 29 12.30 -19.51 21.55
CA LEU C 29 13.19 -19.60 20.42
C LEU C 29 14.05 -18.35 20.39
N THR C 30 15.31 -18.49 19.97
CA THR C 30 16.20 -17.33 19.92
C THR C 30 15.83 -16.45 18.74
N GLU C 31 16.13 -15.15 18.89
CA GLU C 31 15.91 -14.23 17.78
C GLU C 31 16.64 -14.67 16.53
N ASN C 32 17.84 -15.22 16.67
CA ASN C 32 18.61 -15.61 15.49
C ASN C 32 18.06 -16.86 14.81
N GLU C 33 17.46 -17.77 15.57
CA GLU C 33 16.78 -18.90 14.95
C GLU C 33 15.61 -18.41 14.10
N ILE C 34 14.80 -17.48 14.63
CA ILE C 34 13.67 -16.98 13.87
C ILE C 34 14.13 -16.25 12.60
N ARG C 35 15.17 -15.41 12.72
CA ARG C 35 15.71 -14.79 11.51
C ARG C 35 16.16 -15.85 10.50
N GLY C 36 16.72 -16.96 10.98
CA GLY C 36 17.17 -18.02 10.08
C GLY C 36 16.04 -18.67 9.31
N LEU C 37 14.95 -19.02 10.02
CA LEU C 37 13.75 -19.53 9.35
C LEU C 37 13.24 -18.55 8.30
N CYS C 38 13.27 -17.26 8.62
CA CYS C 38 12.79 -16.29 7.63
C CYS C 38 13.70 -16.27 6.40
N LEU C 39 15.02 -16.29 6.57
CA LEU C 39 15.91 -16.22 5.42
C LEU C 39 15.82 -17.47 4.54
N LYS C 40 15.91 -18.67 5.14
CA LYS C 40 15.83 -19.89 4.32
C LYS C 40 14.47 -20.01 3.65
N SER C 41 13.39 -19.80 4.41
CA SER C 41 12.08 -19.96 3.80
C SER C 41 11.85 -18.93 2.70
N ARG C 42 12.33 -17.69 2.89
CA ARG C 42 12.18 -16.67 1.85
C ARG C 42 12.94 -17.08 0.56
N GLU C 43 14.19 -17.53 0.70
CA GLU C 43 14.96 -17.93 -0.48
C GLU C 43 14.30 -19.11 -1.20
N ILE C 44 13.74 -20.06 -0.43
CA ILE C 44 12.98 -21.16 -1.03
C ILE C 44 11.78 -20.61 -1.80
N PHE C 45 11.02 -19.69 -1.18
CA PHE C 45 9.82 -19.15 -1.81
C PHE C 45 10.13 -18.49 -3.15
N LEU C 46 11.26 -17.77 -3.23
CA LEU C 46 11.64 -17.15 -4.50
C LEU C 46 12.13 -18.21 -5.49
N SER C 47 12.65 -19.33 -4.99
CA SER C 47 13.16 -20.35 -5.90
C SER C 47 12.06 -21.12 -6.61
N GLN C 48 10.85 -21.12 -6.09
CA GLN C 48 9.73 -21.86 -6.67
C GLN C 48 8.78 -20.90 -7.39
N PRO C 49 7.96 -21.40 -8.31
CA PRO C 49 7.04 -20.52 -9.03
C PRO C 49 6.13 -19.73 -8.08
N ILE C 50 5.63 -18.61 -8.59
CA ILE C 50 4.61 -17.86 -7.86
C ILE C 50 3.22 -18.41 -8.16
N LEU C 51 3.07 -19.15 -9.25
CA LEU C 51 1.88 -19.93 -9.53
C LEU C 51 2.27 -21.40 -9.46
N LEU C 52 2.11 -21.99 -8.29
CA LEU C 52 2.50 -23.37 -8.05
C LEU C 52 1.64 -24.33 -8.84
N GLU C 53 2.29 -25.30 -9.47
CA GLU C 53 1.60 -26.37 -10.20
C GLU C 53 1.83 -27.66 -9.44
N LEU C 54 0.78 -28.16 -8.77
CA LEU C 54 0.90 -29.27 -7.84
C LEU C 54 0.19 -30.52 -8.37
N GLU C 55 0.61 -31.68 -7.86
CA GLU C 55 0.04 -32.99 -8.20
C GLU C 55 -0.54 -33.60 -6.92
N ALA C 56 -1.84 -33.94 -6.94
CA ALA C 56 -2.47 -34.64 -5.83
C ALA C 56 -1.76 -35.96 -5.52
N PRO C 57 -1.92 -36.51 -4.29
CA PRO C 57 -2.81 -36.25 -3.15
C PRO C 57 -2.42 -35.04 -2.32
N LEU C 58 -3.39 -34.49 -1.61
CA LEU C 58 -3.18 -33.14 -1.10
C LEU C 58 -4.21 -32.86 0.00
N LYS C 59 -3.78 -32.11 1.01
CA LYS C 59 -4.69 -31.56 2.00
C LYS C 59 -4.60 -30.05 1.91
N ILE C 60 -5.74 -29.38 1.80
CA ILE C 60 -5.79 -27.95 1.60
C ILE C 60 -6.45 -27.32 2.82
N CYS C 61 -5.82 -26.31 3.39
CA CYS C 61 -6.33 -25.67 4.60
C CYS C 61 -6.50 -24.17 4.43
N GLY C 62 -7.49 -23.64 5.12
CA GLY C 62 -7.79 -22.23 5.11
C GLY C 62 -7.08 -21.48 6.22
N ASP C 63 -7.76 -20.46 6.73
CA ASP C 63 -7.15 -19.57 7.71
C ASP C 63 -6.81 -20.28 9.02
N ILE C 64 -5.67 -19.91 9.58
CA ILE C 64 -5.25 -20.40 10.89
C ILE C 64 -5.26 -19.29 11.95
N HIS C 65 -4.95 -18.06 11.56
CA HIS C 65 -5.06 -16.88 12.42
C HIS C 65 -4.51 -17.14 13.82
N GLY C 66 -3.29 -17.65 13.87
CA GLY C 66 -2.52 -17.80 15.09
C GLY C 66 -3.05 -18.82 16.09
N GLN C 67 -4.03 -19.64 15.70
CA GLN C 67 -4.61 -20.59 16.65
C GLN C 67 -3.78 -21.88 16.64
N TYR C 68 -2.64 -21.80 17.34
CA TYR C 68 -1.57 -22.77 17.20
C TYR C 68 -2.04 -24.16 17.59
N TYR C 69 -2.68 -24.29 18.76
CA TYR C 69 -3.12 -25.60 19.22
C TYR C 69 -4.15 -26.20 18.27
N ASP C 70 -4.93 -25.36 17.58
CA ASP C 70 -5.85 -25.88 16.57
C ASP C 70 -5.09 -26.33 15.32
N LEU C 71 -3.96 -25.69 15.01
CA LEU C 71 -3.11 -26.19 13.94
C LEU C 71 -2.54 -27.56 14.28
N LEU C 72 -2.00 -27.71 15.49
CA LEU C 72 -1.51 -29.01 15.89
C LEU C 72 -2.61 -30.06 15.77
N ARG C 73 -3.83 -29.76 16.23
CA ARG C 73 -4.91 -30.75 16.10
C ARG C 73 -5.16 -31.07 14.62
N LEU C 74 -5.06 -30.06 13.74
CA LEU C 74 -5.16 -30.32 12.31
C LEU C 74 -4.11 -31.33 11.83
N PHE C 75 -2.88 -31.25 12.34
CA PHE C 75 -1.85 -32.22 11.94
C PHE C 75 -2.09 -33.59 12.57
N GLU C 76 -2.42 -33.64 13.87
CA GLU C 76 -2.77 -34.89 14.55
C GLU C 76 -3.83 -35.66 13.78
N TYR C 77 -4.77 -34.93 13.17
CA TYR C 77 -5.87 -35.56 12.45
C TYR C 77 -5.51 -35.88 10.99
N GLY C 78 -4.84 -34.99 10.28
CA GLY C 78 -4.50 -35.29 8.91
C GLY C 78 -3.12 -35.87 8.66
N GLY C 79 -2.28 -36.01 9.69
CA GLY C 79 -0.94 -36.57 9.54
C GLY C 79 0.16 -35.52 9.51
N PHE C 80 1.17 -35.68 10.37
CA PHE C 80 2.26 -34.70 10.39
C PHE C 80 3.11 -34.84 9.13
N PRO C 81 3.66 -33.74 8.64
CA PRO C 81 4.49 -33.81 7.44
C PRO C 81 5.73 -34.64 7.69
N PRO C 82 6.20 -35.40 6.68
CA PRO C 82 5.66 -35.40 5.32
C PRO C 82 4.70 -36.54 5.00
N GLU C 83 4.08 -37.10 6.04
CA GLU C 83 3.10 -38.17 5.92
C GLU C 83 1.90 -37.80 5.03
N SER C 84 1.64 -36.49 4.86
CA SER C 84 0.66 -35.99 3.90
C SER C 84 1.22 -34.71 3.28
N ASN C 85 0.83 -34.46 2.03
CA ASN C 85 1.20 -33.21 1.39
C ASN C 85 0.22 -32.13 1.79
N TYR C 86 0.71 -30.94 2.09
CA TYR C 86 -0.20 -29.88 2.50
C TYR C 86 -0.09 -28.67 1.58
N LEU C 87 -1.20 -27.94 1.49
CA LEU C 87 -1.25 -26.62 0.89
C LEU C 87 -2.06 -25.75 1.83
N PHE C 88 -1.49 -24.60 2.21
CA PHE C 88 -2.17 -23.65 3.07
C PHE C 88 -2.49 -22.39 2.29
N LEU C 89 -3.75 -21.93 2.41
CA LEU C 89 -4.27 -20.79 1.66
C LEU C 89 -4.17 -19.48 2.43
N GLY C 90 -3.09 -19.23 3.14
CA GLY C 90 -2.87 -17.93 3.73
C GLY C 90 -3.59 -17.70 5.06
N ASP C 91 -3.36 -16.49 5.60
CA ASP C 91 -3.89 -16.01 6.89
C ASP C 91 -3.38 -16.88 8.04
N TYR C 92 -2.07 -16.79 8.29
CA TYR C 92 -1.48 -17.56 9.39
C TYR C 92 -1.40 -16.78 10.69
N VAL C 93 -1.50 -15.44 10.67
CA VAL C 93 -0.89 -14.68 11.75
C VAL C 93 -1.69 -13.56 12.41
N ASP C 94 -3.00 -13.52 12.38
CA ASP C 94 -3.56 -12.45 13.22
C ASP C 94 -4.62 -13.00 14.16
N ARG C 95 -5.06 -12.13 15.07
CA ARG C 95 -6.23 -12.34 15.92
C ARG C 95 -6.04 -13.39 17.00
N GLY C 96 -5.43 -14.53 16.69
CA GLY C 96 -5.21 -15.56 17.68
C GLY C 96 -4.06 -15.23 18.62
N LYS C 97 -3.79 -16.14 19.56
CA LYS C 97 -2.90 -15.80 20.65
C LYS C 97 -1.46 -16.24 20.44
N GLN C 98 -1.16 -16.98 19.38
CA GLN C 98 0.16 -17.57 19.19
C GLN C 98 0.55 -17.54 17.72
N SER C 99 0.54 -16.33 17.14
CA SER C 99 0.97 -16.19 15.75
C SER C 99 2.41 -16.64 15.58
N LEU C 100 3.28 -16.27 16.52
CA LEU C 100 4.70 -16.55 16.35
C LEU C 100 4.96 -18.04 16.21
N GLU C 101 4.41 -18.85 17.14
CA GLU C 101 4.60 -20.31 17.07
C GLU C 101 4.01 -20.86 15.77
N THR C 102 2.83 -20.36 15.38
CA THR C 102 2.18 -20.84 14.18
C THR C 102 3.06 -20.64 12.96
N ILE C 103 3.50 -19.40 12.73
CA ILE C 103 4.27 -19.12 11.53
C ILE C 103 5.66 -19.76 11.58
N CYS C 104 6.23 -19.92 12.78
CA CYS C 104 7.54 -20.56 12.85
C CYS C 104 7.47 -22.05 12.56
N LEU C 105 6.45 -22.73 13.08
CA LEU C 105 6.27 -24.13 12.72
C LEU C 105 6.08 -24.27 11.22
N LEU C 106 5.23 -23.42 10.62
CA LEU C 106 4.93 -23.54 9.20
C LEU C 106 6.17 -23.30 8.34
N LEU C 107 6.98 -22.29 8.69
CA LEU C 107 8.19 -22.05 7.92
C LEU C 107 9.22 -23.16 8.12
N ALA C 108 9.32 -23.69 9.34
CA ALA C 108 10.23 -24.81 9.59
C ALA C 108 9.88 -26.00 8.71
N TYR C 109 8.59 -26.30 8.58
CA TYR C 109 8.17 -27.42 7.75
C TYR C 109 8.39 -27.12 6.28
N LYS C 110 8.15 -25.88 5.85
CA LYS C 110 8.47 -25.54 4.45
C LYS C 110 9.95 -25.74 4.15
N ILE C 111 10.82 -25.45 5.12
CA ILE C 111 12.26 -25.63 4.89
C ILE C 111 12.61 -27.11 4.90
N LYS C 112 11.94 -27.89 5.76
CA LYS C 112 12.26 -29.30 5.89
C LYS C 112 11.78 -30.09 4.67
N TYR C 113 10.54 -29.85 4.24
CA TYR C 113 9.96 -30.57 3.10
C TYR C 113 9.50 -29.59 2.04
N PRO C 114 10.44 -28.92 1.36
CA PRO C 114 10.04 -27.84 0.44
C PRO C 114 9.26 -28.28 -0.77
N GLU C 115 9.23 -29.55 -1.12
CA GLU C 115 8.44 -29.97 -2.27
C GLU C 115 7.20 -30.79 -1.89
N ASN C 116 6.82 -30.79 -0.59
CA ASN C 116 5.62 -31.48 -0.11
C ASN C 116 4.90 -30.68 0.95
N PHE C 117 5.20 -29.38 1.04
CA PHE C 117 4.61 -28.49 2.04
C PHE C 117 4.54 -27.12 1.41
N PHE C 118 3.35 -26.53 1.32
CA PHE C 118 3.22 -25.30 0.55
C PHE C 118 2.37 -24.28 1.28
N LEU C 119 2.84 -23.03 1.22
CA LEU C 119 2.21 -21.90 1.89
C LEU C 119 1.86 -20.85 0.84
N LEU C 120 0.59 -20.45 0.81
CA LEU C 120 0.14 -19.37 -0.07
C LEU C 120 -0.02 -18.09 0.75
N ARG C 121 -0.07 -16.96 0.06
CA ARG C 121 -0.17 -15.67 0.73
C ARG C 121 -1.62 -15.26 0.93
N GLY C 122 -1.96 -14.86 2.16
CA GLY C 122 -3.26 -14.35 2.51
C GLY C 122 -3.20 -12.87 2.87
N ASN C 123 -4.38 -12.27 3.03
CA ASN C 123 -4.44 -10.81 3.17
C ASN C 123 -3.84 -10.30 4.47
N HIS C 124 -3.55 -11.19 5.43
CA HIS C 124 -2.93 -10.82 6.70
C HIS C 124 -1.41 -10.95 6.67
N GLU C 125 -0.85 -11.53 5.63
CA GLU C 125 0.59 -11.55 5.42
C GLU C 125 1.06 -10.32 4.65
N CYS C 126 0.57 -9.15 5.00
CA CYS C 126 1.16 -7.91 4.51
C CYS C 126 1.24 -6.94 5.68
N ALA C 127 2.22 -6.04 5.62
CA ALA C 127 2.48 -5.15 6.77
C ALA C 127 1.29 -4.27 7.11
N SER C 128 0.54 -3.79 6.10
CA SER C 128 -0.52 -2.83 6.38
C SER C 128 -1.59 -3.36 7.32
N ILE C 129 -1.73 -4.68 7.46
CA ILE C 129 -2.79 -5.29 8.26
C ILE C 129 -2.23 -5.87 9.56
N ASN C 130 -1.20 -6.72 9.46
CA ASN C 130 -0.72 -7.35 10.69
C ASN C 130 0.01 -6.36 11.57
N ARG C 131 0.25 -5.14 11.09
CA ARG C 131 0.69 -4.10 12.02
C ARG C 131 -0.41 -3.80 13.01
N ILE C 132 -1.65 -3.95 12.58
CA ILE C 132 -2.83 -3.45 13.29
C ILE C 132 -3.54 -4.54 14.06
N TYR C 133 -3.62 -5.76 13.52
CA TYR C 133 -4.45 -6.81 14.12
C TYR C 133 -3.68 -7.82 14.98
N GLY C 134 -2.51 -7.44 15.53
CA GLY C 134 -1.90 -8.15 16.65
C GLY C 134 -0.51 -8.69 16.41
N PHE C 135 -0.18 -9.04 15.16
CA PHE C 135 1.10 -9.73 14.92
C PHE C 135 2.27 -8.84 15.28
N TYR C 136 2.20 -7.57 14.90
CA TYR C 136 3.25 -6.64 15.26
C TYR C 136 3.39 -6.53 16.77
N ASP C 137 2.27 -6.50 17.51
CA ASP C 137 2.36 -6.33 18.95
C ASP C 137 3.01 -7.53 19.61
N GLU C 138 2.75 -8.72 19.07
CA GLU C 138 3.42 -9.94 19.56
C GLU C 138 4.92 -9.87 19.29
N CYS C 139 5.34 -9.45 18.09
CA CYS C 139 6.77 -9.30 17.84
C CYS C 139 7.39 -8.28 18.78
N LYS C 140 6.77 -7.11 18.92
CA LYS C 140 7.32 -6.08 19.79
C LYS C 140 7.48 -6.59 21.21
N ARG C 141 6.49 -7.35 21.71
CA ARG C 141 6.55 -7.80 23.09
C ARG C 141 7.60 -8.90 23.27
N ARG C 142 7.51 -9.97 22.48
CA ARG C 142 8.41 -11.11 22.66
C ARG C 142 9.82 -10.87 22.11
N TYR C 143 9.97 -10.10 21.03
CA TYR C 143 11.29 -9.81 20.49
C TYR C 143 11.52 -8.31 20.27
N ASN C 144 11.42 -7.81 19.02
CA ASN C 144 11.67 -6.40 18.75
C ASN C 144 11.15 -6.04 17.36
N ILE C 145 11.11 -4.74 17.07
CA ILE C 145 10.50 -4.25 15.82
C ILE C 145 11.21 -4.85 14.60
N LYS C 146 12.54 -4.93 14.65
CA LYS C 146 13.30 -5.40 13.49
C LYS C 146 12.93 -6.83 13.08
N LEU C 147 12.61 -7.70 14.05
CA LEU C 147 12.16 -9.06 13.71
C LEU C 147 10.89 -9.01 12.88
N TRP C 148 9.95 -8.13 13.24
CA TRP C 148 8.74 -7.98 12.45
C TRP C 148 9.06 -7.46 11.05
N LYS C 149 10.03 -6.55 10.93
CA LYS C 149 10.42 -6.15 9.57
C LYS C 149 10.91 -7.37 8.78
N THR C 150 11.66 -8.25 9.45
CA THR C 150 12.10 -9.48 8.78
C THR C 150 10.90 -10.33 8.36
N PHE C 151 9.91 -10.50 9.23
CA PHE C 151 8.74 -11.28 8.82
C PHE C 151 8.04 -10.64 7.62
N THR C 152 7.93 -9.31 7.56
CA THR C 152 7.21 -8.80 6.39
C THR C 152 8.03 -9.00 5.11
N ASP C 153 9.37 -8.93 5.18
CA ASP C 153 10.11 -9.27 3.95
C ASP C 153 9.89 -10.71 3.57
N CYS C 154 9.79 -11.60 4.56
CA CYS C 154 9.52 -12.99 4.22
C CYS C 154 8.17 -13.12 3.54
N PHE C 155 7.12 -12.63 4.20
CA PHE C 155 5.77 -12.73 3.65
C PHE C 155 5.71 -12.16 2.24
N ASN C 156 6.48 -11.10 1.96
CA ASN C 156 6.43 -10.52 0.62
C ASN C 156 6.90 -11.47 -0.48
N CYS C 157 7.47 -12.63 -0.13
CA CYS C 157 7.94 -13.57 -1.14
C CYS C 157 7.02 -14.78 -1.34
N LEU C 158 5.99 -14.94 -0.51
CA LEU C 158 5.02 -16.02 -0.61
C LEU C 158 4.40 -16.09 -2.00
N PRO C 159 4.06 -17.29 -2.51
CA PRO C 159 3.35 -17.39 -3.78
C PRO C 159 1.87 -17.09 -3.62
N ILE C 160 1.22 -16.86 -4.75
CA ILE C 160 -0.08 -16.19 -4.78
C ILE C 160 -1.24 -17.15 -5.06
N ALA C 161 -1.00 -18.24 -5.78
CA ALA C 161 -2.05 -19.16 -6.21
C ALA C 161 -1.41 -20.48 -6.60
N ALA C 162 -2.24 -21.51 -6.72
CA ALA C 162 -1.78 -22.83 -7.15
C ALA C 162 -2.90 -23.55 -7.90
N ILE C 163 -2.52 -24.39 -8.86
CA ILE C 163 -3.49 -25.22 -9.55
C ILE C 163 -3.10 -26.68 -9.35
N VAL C 164 -3.85 -27.41 -8.54
CA VAL C 164 -3.55 -28.82 -8.35
C VAL C 164 -4.18 -29.61 -9.49
N ASP C 165 -3.32 -30.35 -10.22
CA ASP C 165 -3.68 -31.31 -11.27
C ASP C 165 -4.41 -30.66 -12.44
N GLU C 166 -4.14 -29.37 -12.67
CA GLU C 166 -4.73 -28.60 -13.78
C GLU C 166 -6.25 -28.55 -13.70
N LYS C 167 -6.82 -28.77 -12.51
CA LYS C 167 -8.26 -28.77 -12.37
C LYS C 167 -8.74 -27.91 -11.21
N ILE C 168 -8.01 -27.84 -10.09
CA ILE C 168 -8.45 -27.03 -8.94
C ILE C 168 -7.60 -25.77 -8.87
N PHE C 169 -8.25 -24.60 -8.88
CA PHE C 169 -7.59 -23.32 -8.74
C PHE C 169 -7.74 -22.81 -7.31
N CYS C 170 -6.62 -22.55 -6.64
CA CYS C 170 -6.57 -22.19 -5.22
C CYS C 170 -5.88 -20.85 -5.01
N CYS C 171 -6.56 -19.94 -4.32
CA CYS C 171 -5.94 -18.71 -3.86
C CYS C 171 -6.66 -18.30 -2.59
N HIS C 172 -6.14 -17.24 -1.93
CA HIS C 172 -6.64 -16.92 -0.60
C HIS C 172 -8.00 -16.23 -0.65
N GLY C 173 -8.15 -15.24 -1.52
CA GLY C 173 -9.40 -14.54 -1.66
C GLY C 173 -10.33 -15.06 -2.75
N GLY C 174 -9.97 -14.80 -4.01
CA GLY C 174 -10.81 -15.23 -5.13
C GLY C 174 -10.38 -14.59 -6.45
N LEU C 175 -11.34 -14.46 -7.36
CA LEU C 175 -11.09 -14.02 -8.73
C LEU C 175 -10.84 -12.50 -8.80
N SER C 176 -10.53 -12.04 -10.01
CA SER C 176 -10.27 -10.63 -10.26
C SER C 176 -10.74 -10.26 -11.66
N PRO C 177 -11.37 -9.08 -11.85
CA PRO C 177 -11.81 -8.68 -13.19
C PRO C 177 -10.68 -8.32 -14.13
N ASP C 178 -9.44 -8.30 -13.68
CA ASP C 178 -8.31 -8.08 -14.57
C ASP C 178 -7.67 -9.38 -15.04
N LEU C 179 -8.08 -10.54 -14.48
CA LEU C 179 -7.45 -11.84 -14.71
C LEU C 179 -8.04 -12.52 -15.96
N GLN C 180 -7.35 -12.36 -17.11
CA GLN C 180 -7.74 -13.00 -18.36
C GLN C 180 -6.95 -14.27 -18.65
N SER C 181 -5.66 -14.27 -18.33
CA SER C 181 -4.80 -15.43 -18.53
C SER C 181 -3.94 -15.64 -17.29
N MET C 182 -3.53 -16.90 -17.08
CA MET C 182 -2.68 -17.21 -15.94
C MET C 182 -1.31 -16.55 -16.04
N GLU C 183 -0.85 -16.24 -17.25
CA GLU C 183 0.46 -15.66 -17.39
C GLU C 183 0.56 -14.32 -16.67
N GLN C 184 -0.57 -13.70 -16.34
CA GLN C 184 -0.54 -12.49 -15.52
C GLN C 184 -0.03 -12.79 -14.13
N ILE C 185 -0.56 -13.85 -13.50
CA ILE C 185 -0.08 -14.24 -12.18
C ILE C 185 1.40 -14.57 -12.22
N ARG C 186 1.81 -15.35 -13.24
CA ARG C 186 3.21 -15.70 -13.37
C ARG C 186 4.09 -14.48 -13.60
N ARG C 187 3.51 -13.38 -14.08
CA ARG C 187 4.31 -12.19 -14.42
C ARG C 187 4.66 -11.34 -13.22
N ILE C 188 3.95 -11.53 -12.10
CA ILE C 188 4.12 -10.68 -10.91
C ILE C 188 5.50 -10.90 -10.31
N MET C 189 6.26 -9.82 -10.10
CA MET C 189 7.63 -9.93 -9.61
C MET C 189 7.65 -9.83 -8.08
N ARG C 190 8.49 -10.66 -7.46
CA ARG C 190 8.60 -10.73 -6.02
C ARG C 190 10.02 -10.38 -5.58
N PRO C 191 10.21 -9.87 -4.36
CA PRO C 191 9.21 -9.52 -3.33
C PRO C 191 8.36 -8.32 -3.71
N THR C 192 7.17 -8.21 -3.13
CA THR C 192 6.27 -7.09 -3.38
C THR C 192 5.28 -6.96 -2.21
N ASP C 193 4.77 -5.77 -2.06
CA ASP C 193 3.71 -5.45 -1.09
C ASP C 193 2.38 -5.55 -1.80
N VAL C 194 1.30 -5.67 -1.05
CA VAL C 194 -0.01 -5.71 -1.71
C VAL C 194 -0.48 -4.28 -1.99
N PRO C 195 -0.75 -3.91 -3.23
CA PRO C 195 -1.32 -2.59 -3.49
C PRO C 195 -2.78 -2.56 -3.08
N ASP C 196 -3.38 -1.38 -3.15
CA ASP C 196 -4.79 -1.24 -2.73
C ASP C 196 -5.78 -1.62 -3.83
N GLN C 197 -5.32 -1.79 -5.07
CA GLN C 197 -6.16 -2.15 -6.20
C GLN C 197 -5.37 -3.09 -7.10
N GLY C 198 -6.07 -3.99 -7.76
CA GLY C 198 -5.47 -4.73 -8.85
C GLY C 198 -5.48 -6.23 -8.63
N LEU C 199 -4.83 -6.92 -9.58
CA LEU C 199 -4.89 -8.38 -9.63
C LEU C 199 -4.46 -8.99 -8.31
N LEU C 200 -3.29 -8.62 -7.80
CA LEU C 200 -2.79 -9.19 -6.56
C LEU C 200 -3.73 -8.91 -5.39
N CYS C 201 -4.16 -7.66 -5.28
CA CYS C 201 -5.12 -7.28 -4.24
C CYS C 201 -6.38 -8.14 -4.34
N ASP C 202 -6.99 -8.19 -5.54
CA ASP C 202 -8.23 -8.95 -5.67
C ASP C 202 -8.02 -10.42 -5.32
N LEU C 203 -6.88 -10.99 -5.72
CA LEU C 203 -6.61 -12.39 -5.41
C LEU C 203 -6.56 -12.62 -3.91
N LEU C 204 -6.20 -11.60 -3.12
CA LEU C 204 -6.18 -11.84 -1.68
C LEU C 204 -7.44 -11.38 -0.95
N TRP C 205 -8.28 -10.53 -1.55
CA TRP C 205 -9.35 -9.89 -0.81
C TRP C 205 -10.77 -10.12 -1.31
N SER C 206 -10.98 -10.41 -2.59
CA SER C 206 -12.33 -10.49 -3.14
C SER C 206 -13.07 -11.71 -2.59
N ASP C 207 -14.40 -11.62 -2.55
CA ASP C 207 -15.33 -12.57 -1.95
C ASP C 207 -16.40 -12.98 -2.96
N PRO C 208 -16.92 -14.19 -2.87
CA PRO C 208 -18.11 -14.54 -3.64
C PRO C 208 -19.38 -13.97 -3.02
N ASP C 209 -20.35 -13.66 -3.87
CA ASP C 209 -21.65 -13.23 -3.36
C ASP C 209 -22.76 -13.85 -4.19
N LYS C 210 -23.76 -14.41 -3.49
CA LYS C 210 -24.90 -15.03 -4.16
C LYS C 210 -25.78 -14.00 -4.87
N ASP C 211 -25.86 -12.78 -4.35
CA ASP C 211 -26.74 -11.74 -4.87
C ASP C 211 -26.08 -10.83 -5.90
N VAL C 212 -25.09 -11.30 -6.66
CA VAL C 212 -24.35 -10.43 -7.57
C VAL C 212 -24.38 -11.03 -8.97
N GLN C 213 -24.92 -10.28 -9.93
CA GLN C 213 -24.76 -10.58 -11.34
C GLN C 213 -23.40 -10.05 -11.76
N GLY C 214 -22.42 -10.93 -11.92
CA GLY C 214 -21.13 -10.43 -12.34
C GLY C 214 -20.30 -9.90 -11.19
N TRP C 215 -19.98 -8.59 -11.22
CA TRP C 215 -19.10 -7.98 -10.24
C TRP C 215 -19.83 -6.88 -9.48
N GLY C 216 -19.55 -6.78 -8.17
CA GLY C 216 -20.16 -5.76 -7.33
C GLY C 216 -19.22 -5.31 -6.24
N GLU C 217 -19.65 -4.31 -5.46
CA GLU C 217 -18.76 -3.77 -4.44
C GLU C 217 -18.69 -4.69 -3.23
N ASN C 218 -17.60 -4.56 -2.48
CA ASN C 218 -17.28 -5.42 -1.34
C ASN C 218 -17.42 -4.61 -0.07
N ASP C 219 -18.20 -5.11 0.89
CA ASP C 219 -18.44 -4.36 2.13
C ASP C 219 -17.17 -4.09 2.92
N ARG C 220 -16.12 -4.92 2.77
CA ARG C 220 -14.87 -4.67 3.49
C ARG C 220 -14.19 -3.37 3.07
N GLY C 221 -14.59 -2.78 1.95
CA GLY C 221 -13.89 -1.62 1.44
C GLY C 221 -12.65 -1.93 0.64
N VAL C 222 -12.38 -3.19 0.34
CA VAL C 222 -11.26 -3.59 -0.52
C VAL C 222 -11.77 -4.52 -1.61
N SER C 223 -11.26 -4.35 -2.82
CA SER C 223 -11.53 -5.30 -3.93
C SER C 223 -13.03 -5.36 -4.22
N PHE C 224 -13.55 -6.53 -4.63
CA PHE C 224 -14.90 -6.65 -5.20
C PHE C 224 -15.51 -7.98 -4.78
N THR C 225 -16.68 -8.27 -5.35
CA THR C 225 -17.41 -9.49 -5.07
C THR C 225 -17.89 -10.02 -6.41
N PHE C 226 -17.85 -11.34 -6.59
CA PHE C 226 -18.22 -11.97 -7.84
C PHE C 226 -19.32 -12.99 -7.62
N GLY C 227 -20.21 -13.12 -8.59
CA GLY C 227 -21.33 -14.05 -8.52
C GLY C 227 -21.08 -15.36 -9.24
N ALA C 228 -22.12 -16.20 -9.28
CA ALA C 228 -21.96 -17.55 -9.82
C ALA C 228 -21.60 -17.55 -11.30
N GLU C 229 -22.16 -16.61 -12.08
CA GLU C 229 -21.84 -16.57 -13.52
C GLU C 229 -20.36 -16.27 -13.78
N VAL C 230 -19.71 -15.49 -12.90
CA VAL C 230 -18.30 -15.19 -13.08
C VAL C 230 -17.47 -16.40 -12.77
N VAL C 231 -17.98 -17.24 -11.87
CA VAL C 231 -17.24 -18.41 -11.48
C VAL C 231 -17.33 -19.43 -12.59
N ALA C 232 -18.51 -19.54 -13.19
CA ALA C 232 -18.69 -20.55 -14.22
C ALA C 232 -17.92 -20.18 -15.48
N LYS C 233 -17.93 -18.90 -15.85
CA LYS C 233 -17.19 -18.50 -17.05
C LYS C 233 -15.69 -18.69 -16.87
N PHE C 234 -15.16 -18.40 -15.68
CA PHE C 234 -13.75 -18.61 -15.40
C PHE C 234 -13.36 -20.09 -15.53
N LEU C 235 -14.09 -20.96 -14.83
CA LEU C 235 -13.87 -22.40 -14.92
C LEU C 235 -13.91 -22.89 -16.37
N HIS C 236 -14.87 -22.43 -17.17
CA HIS C 236 -14.94 -22.89 -18.57
C HIS C 236 -13.81 -22.30 -19.42
N LYS C 237 -13.35 -21.09 -19.11
CA LYS C 237 -12.29 -20.48 -19.91
C LYS C 237 -10.97 -21.22 -19.73
N HIS C 238 -10.62 -21.62 -18.50
CA HIS C 238 -9.29 -22.20 -18.28
C HIS C 238 -9.30 -23.72 -18.12
N ASP C 239 -10.42 -24.38 -18.39
CA ASP C 239 -10.55 -25.83 -18.32
C ASP C 239 -10.33 -26.35 -16.90
N LEU C 240 -10.90 -25.64 -15.93
CA LEU C 240 -10.81 -25.99 -14.51
C LEU C 240 -12.13 -26.62 -14.04
N ASP C 241 -12.08 -27.19 -12.84
CA ASP C 241 -13.23 -27.90 -12.28
C ASP C 241 -13.71 -27.33 -10.95
N LEU C 242 -12.87 -26.60 -10.22
CA LEU C 242 -13.24 -26.16 -8.88
C LEU C 242 -12.35 -25.00 -8.48
N ILE C 243 -12.97 -23.91 -7.98
CA ILE C 243 -12.24 -22.85 -7.29
C ILE C 243 -12.24 -23.17 -5.81
N CYS C 244 -11.07 -23.01 -5.18
CA CYS C 244 -10.88 -23.39 -3.79
C CYS C 244 -10.24 -22.21 -3.07
N ARG C 245 -11.01 -21.51 -2.25
CA ARG C 245 -10.49 -20.32 -1.60
C ARG C 245 -10.87 -20.38 -0.13
N ALA C 246 -10.49 -19.33 0.60
CA ALA C 246 -10.56 -19.42 2.05
C ALA C 246 -10.35 -18.07 2.70
N HIS C 247 -11.39 -17.30 2.89
CA HIS C 247 -11.09 -15.97 3.38
C HIS C 247 -12.10 -15.50 4.40
N GLN C 248 -13.20 -16.22 4.60
CA GLN C 248 -14.24 -15.75 5.48
C GLN C 248 -14.74 -16.91 6.33
N VAL C 249 -15.06 -16.61 7.59
CA VAL C 249 -15.59 -17.64 8.48
C VAL C 249 -16.79 -18.27 7.85
N VAL C 250 -16.85 -19.58 7.91
CA VAL C 250 -18.06 -20.30 7.56
C VAL C 250 -18.34 -21.26 8.71
N GLU C 251 -19.62 -21.42 9.05
CA GLU C 251 -19.95 -22.05 10.32
C GLU C 251 -19.57 -23.52 10.31
N ASP C 252 -19.73 -24.20 9.18
CA ASP C 252 -19.42 -25.62 9.13
C ASP C 252 -17.96 -25.91 8.79
N GLY C 253 -17.11 -24.89 8.72
CA GLY C 253 -15.72 -25.09 8.36
C GLY C 253 -15.47 -25.04 6.86
N TYR C 254 -16.41 -25.57 6.07
CA TYR C 254 -16.38 -25.40 4.63
C TYR C 254 -17.74 -24.92 4.15
N GLU C 255 -17.79 -24.36 2.94
CA GLU C 255 -19.06 -23.88 2.39
C GLU C 255 -18.99 -23.87 0.87
N PHE C 256 -20.01 -24.41 0.22
CA PHE C 256 -20.08 -24.51 -1.23
C PHE C 256 -20.77 -23.29 -1.82
N PHE C 257 -20.45 -23.01 -3.09
CA PHE C 257 -20.98 -21.87 -3.84
C PHE C 257 -21.08 -22.25 -5.30
N ALA C 258 -22.09 -21.70 -5.98
CA ALA C 258 -22.30 -21.92 -7.41
C ALA C 258 -22.37 -23.41 -7.76
N LYS C 259 -23.19 -24.15 -7.01
CA LYS C 259 -23.42 -25.59 -7.25
C LYS C 259 -22.10 -26.35 -7.21
N ARG C 260 -21.43 -26.25 -6.05
CA ARG C 260 -20.16 -26.92 -5.78
C ARG C 260 -19.09 -26.56 -6.81
N GLN C 261 -19.19 -25.38 -7.42
CA GLN C 261 -18.11 -24.90 -8.29
C GLN C 261 -17.08 -24.08 -7.56
N LEU C 262 -17.40 -23.56 -6.39
CA LEU C 262 -16.41 -22.92 -5.53
C LEU C 262 -16.60 -23.43 -4.11
N VAL C 263 -15.51 -23.47 -3.35
CA VAL C 263 -15.61 -23.90 -1.96
C VAL C 263 -14.75 -22.98 -1.10
N THR C 264 -15.29 -22.58 0.05
CA THR C 264 -14.62 -21.74 1.03
C THR C 264 -14.20 -22.61 2.20
N LEU C 265 -12.92 -22.53 2.55
CA LEU C 265 -12.34 -23.28 3.66
C LEU C 265 -11.98 -22.34 4.79
N PHE C 266 -12.16 -22.81 6.01
CA PHE C 266 -11.74 -22.05 7.16
C PHE C 266 -11.32 -23.08 8.19
N SER C 267 -10.04 -23.09 8.51
CA SER C 267 -9.45 -24.16 9.30
C SER C 267 -9.27 -23.79 10.77
N ALA C 268 -9.72 -22.62 11.20
CA ALA C 268 -9.54 -22.18 12.59
C ALA C 268 -10.88 -22.25 13.35
N PRO C 269 -11.09 -23.24 14.20
CA PRO C 269 -12.39 -23.40 14.88
C PRO C 269 -12.58 -22.38 15.99
N ASN C 270 -13.84 -22.04 16.24
CA ASN C 270 -14.21 -21.11 17.30
C ASN C 270 -13.40 -19.84 17.17
N TYR C 271 -13.52 -19.23 16.00
CA TYR C 271 -12.63 -18.14 15.59
C TYR C 271 -12.64 -16.96 16.57
N CYS C 272 -11.48 -16.73 17.22
CA CYS C 272 -11.26 -15.82 18.33
C CYS C 272 -12.40 -15.78 19.34
N GLY C 273 -13.08 -16.92 19.54
CA GLY C 273 -14.08 -17.05 20.58
C GLY C 273 -15.37 -16.27 20.35
N GLU C 274 -15.34 -15.28 19.45
CA GLU C 274 -16.56 -14.56 19.08
C GLU C 274 -17.56 -15.51 18.43
N PHE C 275 -17.08 -16.49 17.65
CA PHE C 275 -17.92 -17.39 16.89
C PHE C 275 -18.00 -18.76 17.57
N ASP C 276 -18.73 -19.66 16.94
CA ASP C 276 -18.83 -21.04 17.39
C ASP C 276 -18.64 -22.00 16.23
N ASN C 277 -17.84 -21.61 15.25
CA ASN C 277 -17.67 -22.35 14.01
C ASN C 277 -16.69 -23.51 14.17
N ALA C 278 -16.82 -24.49 13.29
CA ALA C 278 -15.84 -25.55 13.15
C ALA C 278 -14.81 -25.17 12.10
N GLY C 279 -13.68 -25.86 12.14
CA GLY C 279 -12.64 -25.73 11.14
C GLY C 279 -12.70 -26.92 10.18
N ALA C 280 -12.20 -26.71 8.97
CA ALA C 280 -12.26 -27.73 7.94
C ALA C 280 -10.99 -27.72 7.11
N MET C 281 -10.78 -28.84 6.42
CA MET C 281 -9.61 -29.12 5.57
C MET C 281 -10.11 -29.99 4.43
N MET C 282 -9.62 -29.79 3.21
CA MET C 282 -10.11 -30.56 2.08
C MET C 282 -9.07 -31.60 1.65
N SER C 283 -9.48 -32.86 1.63
CA SER C 283 -8.64 -33.98 1.26
C SER C 283 -8.90 -34.36 -0.19
N VAL C 284 -7.86 -34.30 -1.02
CA VAL C 284 -7.91 -34.62 -2.44
C VAL C 284 -7.02 -35.83 -2.70
N ASP C 285 -7.58 -36.94 -3.20
CA ASP C 285 -6.74 -38.11 -3.43
C ASP C 285 -6.13 -38.05 -4.84
N GLU C 286 -5.45 -39.14 -5.23
CA GLU C 286 -4.77 -39.20 -6.55
C GLU C 286 -5.76 -39.00 -7.70
N THR C 287 -6.93 -39.64 -7.63
CA THR C 287 -7.94 -39.59 -8.68
C THR C 287 -8.76 -38.29 -8.65
N LEU C 288 -8.33 -37.33 -7.82
CA LEU C 288 -8.99 -36.02 -7.63
C LEU C 288 -10.36 -36.12 -6.98
N MET C 289 -10.59 -37.14 -6.16
CA MET C 289 -11.84 -37.25 -5.41
C MET C 289 -11.71 -36.54 -4.06
N CYS C 290 -12.57 -35.56 -3.84
CA CYS C 290 -12.41 -34.65 -2.72
C CYS C 290 -13.41 -34.96 -1.61
N SER C 291 -12.93 -34.91 -0.36
CA SER C 291 -13.74 -35.04 0.84
C SER C 291 -13.26 -34.01 1.84
N PHE C 292 -13.97 -33.87 2.97
CA PHE C 292 -13.63 -32.87 3.97
C PHE C 292 -13.40 -33.52 5.34
N GLN C 293 -12.50 -32.91 6.11
CA GLN C 293 -12.21 -33.30 7.50
C GLN C 293 -12.45 -32.10 8.39
N ILE C 294 -13.26 -32.27 9.42
CA ILE C 294 -13.78 -31.16 10.19
C ILE C 294 -13.36 -31.29 11.65
N LEU C 295 -13.06 -30.17 12.30
CA LEU C 295 -12.79 -30.10 13.74
C LEU C 295 -13.93 -29.30 14.37
N LYS C 296 -14.94 -30.02 14.93
CA LYS C 296 -16.09 -29.37 15.58
C LYS C 296 -15.80 -29.20 17.07
N PRO C 297 -15.95 -28.01 17.64
CA PRO C 297 -15.73 -27.88 19.08
C PRO C 297 -16.93 -28.38 19.88
N ALA C 298 -16.67 -28.72 21.13
CA ALA C 298 -17.63 -29.40 21.98
C ALA C 298 -18.87 -28.54 22.23
N LYS D 19 -7.94 -36.84 -15.79
CA LYS D 19 -8.27 -36.48 -14.41
C LYS D 19 -9.47 -35.55 -14.37
N ARG D 20 -10.26 -35.67 -13.30
CA ARG D 20 -11.52 -34.95 -13.18
C ARG D 20 -11.95 -34.93 -11.72
N VAL D 21 -12.36 -33.77 -11.26
CA VAL D 21 -12.73 -33.62 -9.86
C VAL D 21 -14.11 -34.22 -9.66
N VAL D 22 -14.28 -34.96 -8.56
CA VAL D 22 -15.55 -35.54 -8.20
C VAL D 22 -15.59 -35.68 -6.68
N PHE D 23 -16.73 -35.35 -6.09
CA PHE D 23 -16.81 -35.37 -4.64
C PHE D 23 -17.30 -36.72 -4.14
N ALA D 24 -17.02 -36.98 -2.85
CA ALA D 24 -17.28 -38.29 -2.26
C ALA D 24 -18.77 -38.62 -2.25
N ASP D 25 -19.59 -37.62 -2.16
CA ASP D 25 -21.06 -37.81 -2.20
C ASP D 25 -21.46 -38.59 -3.44
N SER D 26 -20.82 -38.28 -4.56
CA SER D 26 -21.18 -38.84 -5.85
C SER D 26 -20.93 -40.35 -5.89
N LYS D 27 -20.01 -40.87 -5.07
CA LYS D 27 -19.73 -42.30 -5.00
C LYS D 27 -20.27 -42.93 -3.71
N GLY D 28 -21.37 -42.40 -3.19
CA GLY D 28 -21.98 -43.09 -2.08
C GLY D 28 -21.27 -42.92 -0.75
N LEU D 29 -19.98 -42.56 -0.76
CA LEU D 29 -19.24 -42.41 0.48
C LEU D 29 -19.64 -41.12 1.20
N SER D 30 -19.19 -40.98 2.44
CA SER D 30 -19.48 -39.77 3.20
C SER D 30 -18.59 -38.63 2.71
N LEU D 31 -19.22 -37.46 2.53
CA LEU D 31 -18.46 -36.28 2.15
C LEU D 31 -17.65 -35.73 3.33
N THR D 32 -18.25 -35.73 4.51
CA THR D 32 -17.69 -35.11 5.70
C THR D 32 -17.26 -36.19 6.68
N ALA D 33 -16.20 -35.92 7.42
CA ALA D 33 -15.69 -36.82 8.48
C ALA D 33 -15.28 -35.98 9.69
N ILE D 34 -16.05 -36.05 10.78
CA ILE D 34 -16.00 -35.05 11.85
C ILE D 34 -15.33 -35.61 13.10
N HIS D 35 -14.32 -34.90 13.57
CA HIS D 35 -13.67 -35.15 14.87
C HIS D 35 -14.12 -34.07 15.84
N VAL D 36 -14.58 -34.49 17.02
CA VAL D 36 -15.02 -33.55 18.05
C VAL D 36 -13.95 -33.47 19.14
N PHE D 37 -13.62 -32.24 19.55
CA PHE D 37 -12.53 -31.98 20.48
C PHE D 37 -13.04 -31.10 21.62
N SER D 38 -12.19 -30.91 22.64
CA SER D 38 -12.50 -30.04 23.77
C SER D 38 -11.21 -29.47 24.42
N ASP D 47 2.22 -36.07 23.49
CA ASP D 47 3.61 -36.52 23.65
C ASP D 47 4.37 -36.61 22.33
N LEU D 48 5.64 -36.21 22.33
CA LEU D 48 6.44 -36.31 21.11
C LEU D 48 6.77 -37.76 20.80
N GLN D 49 6.87 -38.06 19.51
CA GLN D 49 7.38 -39.36 19.10
C GLN D 49 8.16 -39.18 17.81
N PHE D 50 9.32 -39.83 17.75
CA PHE D 50 10.31 -39.66 16.70
C PHE D 50 10.35 -40.87 15.80
N ASP D 51 10.59 -40.61 14.54
CA ASP D 51 10.67 -41.62 13.51
C ASP D 51 11.84 -41.24 12.62
N LEU D 52 12.40 -42.22 11.93
CA LEU D 52 13.42 -41.96 10.95
C LEU D 52 12.86 -42.35 9.59
N LEU D 53 13.08 -41.49 8.60
CA LEU D 53 12.38 -41.56 7.34
C LEU D 53 13.38 -41.52 6.20
N ASP D 54 13.22 -42.39 5.23
CA ASP D 54 14.00 -42.30 4.01
C ASP D 54 13.30 -41.31 3.11
N LEU D 55 13.96 -40.19 2.78
CA LEU D 55 13.30 -39.15 2.00
C LEU D 55 13.10 -39.52 0.54
N ASN D 56 13.61 -40.67 0.09
CA ASN D 56 13.32 -41.11 -1.27
C ASN D 56 12.00 -41.86 -1.37
N ASP D 57 11.42 -42.31 -0.25
CA ASP D 57 10.11 -42.94 -0.25
C ASP D 57 8.96 -41.93 -0.35
N ILE D 58 9.24 -40.63 -0.26
CA ILE D 58 8.24 -39.58 -0.50
C ILE D 58 8.50 -38.97 -1.87
N SER D 59 7.44 -38.78 -2.63
CA SER D 59 7.61 -38.23 -3.98
C SER D 59 7.22 -36.76 -3.97
N SER D 60 7.82 -36.02 -4.89
CA SER D 60 7.59 -34.59 -4.98
C SER D 60 6.14 -34.30 -5.37
N ALA D 61 5.61 -33.21 -4.82
CA ALA D 61 4.27 -32.76 -5.18
C ALA D 61 4.27 -31.61 -6.17
N LEU D 62 5.44 -31.07 -6.51
CA LEU D 62 5.58 -29.91 -7.38
C LEU D 62 5.88 -30.42 -8.78
N LYS D 63 5.35 -29.72 -9.79
CA LYS D 63 5.52 -30.21 -11.15
C LYS D 63 6.71 -29.64 -11.90
N HIS D 64 7.25 -28.47 -11.51
CA HIS D 64 8.42 -27.97 -12.21
C HIS D 64 9.51 -27.35 -11.32
N ASN D 69 18.27 -25.45 -6.30
CA ASN D 69 19.68 -25.72 -6.55
C ASN D 69 20.65 -24.80 -5.74
N LEU D 70 20.54 -23.48 -5.88
CA LEU D 70 21.41 -22.52 -5.20
C LEU D 70 20.56 -21.40 -4.60
N ILE D 71 20.96 -20.88 -3.43
CA ILE D 71 20.26 -19.79 -2.77
C ILE D 71 21.23 -18.90 -2.00
N LEU D 72 20.76 -17.69 -1.67
CA LEU D 72 21.52 -16.69 -0.95
C LEU D 72 21.49 -16.97 0.54
N ASP D 73 22.66 -16.84 1.19
CA ASP D 73 22.78 -17.02 2.63
C ASP D 73 23.01 -15.69 3.34
N PHE D 74 22.21 -14.67 3.02
CA PHE D 74 22.31 -13.39 3.69
C PHE D 74 21.01 -12.63 3.48
N PRO D 75 20.56 -11.86 4.46
CA PRO D 75 19.34 -11.09 4.28
C PRO D 75 19.58 -9.87 3.42
N GLN D 76 18.54 -9.51 2.67
CA GLN D 76 18.61 -8.30 1.86
C GLN D 76 19.06 -7.14 2.73
N PRO D 77 20.12 -6.43 2.34
CA PRO D 77 20.55 -5.28 3.13
C PRO D 77 19.43 -4.31 3.44
N SER D 78 18.46 -4.18 2.52
CA SER D 78 17.38 -3.22 2.60
C SER D 78 16.26 -3.60 3.58
N THR D 79 16.23 -4.85 4.08
CA THR D 79 15.19 -5.23 5.04
C THR D 79 15.32 -4.46 6.35
N ASP D 80 16.55 -4.15 6.76
CA ASP D 80 16.79 -3.30 7.93
C ASP D 80 17.42 -2.01 7.42
N TYR D 81 16.59 -0.99 7.15
CA TYR D 81 17.09 0.18 6.43
C TYR D 81 18.12 0.94 7.27
N LEU D 82 17.90 1.02 8.59
CA LEU D 82 18.79 1.83 9.43
C LEU D 82 20.21 1.26 9.48
N SER D 83 20.35 -0.07 9.57
CA SER D 83 21.72 -0.60 9.57
C SER D 83 22.35 -0.51 8.20
N PHE D 84 21.55 -0.61 7.12
CA PHE D 84 22.08 -0.35 5.79
C PHE D 84 22.65 1.07 5.69
N ARG D 85 21.88 2.05 6.18
CA ARG D 85 22.33 3.44 6.20
C ARG D 85 23.60 3.59 7.03
N SER D 86 23.66 2.88 8.16
CA SER D 86 24.83 2.93 9.04
C SER D 86 26.09 2.42 8.32
N HIS D 87 26.02 1.26 7.70
CA HIS D 87 27.17 0.76 6.95
C HIS D 87 27.53 1.71 5.81
N PHE D 88 26.51 2.21 5.09
CA PHE D 88 26.79 3.05 3.93
C PHE D 88 27.56 4.31 4.32
N GLN D 89 27.22 4.92 5.46
CA GLN D 89 27.98 6.09 5.90
C GLN D 89 29.24 5.73 6.67
N LYS D 90 29.39 4.46 7.09
CA LYS D 90 30.62 4.00 7.72
C LYS D 90 31.66 3.58 6.67
N ASN D 91 31.25 2.89 5.60
CA ASN D 91 32.20 2.36 4.62
C ASN D 91 32.15 3.05 3.26
N PHE D 92 31.17 3.93 3.02
CA PHE D 92 30.98 4.64 1.74
C PHE D 92 30.54 3.74 0.59
N VAL D 93 30.48 2.42 0.82
CA VAL D 93 29.98 1.45 -0.15
C VAL D 93 29.18 0.39 0.58
N CYS D 94 28.03 0.03 -0.01
CA CYS D 94 27.21 -1.00 0.62
C CYS D 94 26.29 -1.64 -0.41
N LEU D 95 26.19 -2.97 -0.39
CA LEU D 95 25.23 -3.67 -1.21
C LEU D 95 23.82 -3.24 -0.83
N GLU D 96 23.00 -2.92 -1.83
CA GLU D 96 21.61 -2.54 -1.57
C GLU D 96 20.68 -3.73 -1.69
N ASN D 97 20.66 -4.38 -2.87
CA ASN D 97 19.79 -5.53 -3.09
C ASN D 97 20.49 -6.57 -3.96
N CYS D 98 20.07 -7.82 -3.79
CA CYS D 98 20.70 -8.94 -4.50
C CYS D 98 19.69 -10.06 -4.67
N SER D 99 19.43 -10.46 -5.92
CA SER D 99 18.58 -11.60 -6.20
C SER D 99 19.32 -12.58 -7.09
N LEU D 100 18.86 -13.83 -7.05
CA LEU D 100 19.49 -14.94 -7.72
C LEU D 100 18.52 -15.41 -8.81
N GLN D 101 18.72 -14.95 -10.05
CA GLN D 101 17.75 -15.13 -11.12
C GLN D 101 18.28 -16.06 -12.21
N GLU D 102 17.63 -17.20 -12.39
CA GLU D 102 18.11 -18.26 -13.32
C GLU D 102 19.51 -18.62 -12.83
N ARG D 103 20.48 -18.82 -13.73
CA ARG D 103 21.85 -18.93 -13.24
C ARG D 103 22.63 -17.65 -13.56
N THR D 104 22.08 -16.51 -13.15
CA THR D 104 22.75 -15.22 -13.19
C THR D 104 22.44 -14.48 -11.90
N VAL D 105 23.45 -13.89 -11.26
CA VAL D 105 23.24 -13.16 -10.01
C VAL D 105 23.23 -11.66 -10.29
N THR D 106 22.19 -10.95 -9.82
CA THR D 106 22.00 -9.55 -10.16
C THR D 106 21.73 -8.71 -8.93
N GLY D 107 22.23 -7.47 -8.90
CA GLY D 107 22.01 -6.66 -7.71
C GLY D 107 22.29 -5.17 -7.93
N THR D 108 22.07 -4.41 -6.86
CA THR D 108 22.36 -2.98 -6.83
C THR D 108 23.18 -2.61 -5.60
N VAL D 109 24.17 -1.73 -5.83
CA VAL D 109 25.16 -1.28 -4.85
C VAL D 109 25.14 0.24 -4.81
N LYS D 110 25.08 0.81 -3.60
CA LYS D 110 25.03 2.26 -3.40
C LYS D 110 26.36 2.77 -2.84
N VAL D 111 26.85 3.90 -3.37
CA VAL D 111 28.13 4.46 -2.95
C VAL D 111 28.04 5.98 -2.83
N LYS D 112 28.81 6.53 -1.87
CA LYS D 112 28.81 7.96 -1.62
C LYS D 112 29.65 8.68 -2.67
N ASN D 113 29.20 9.86 -3.08
CA ASN D 113 29.80 10.56 -4.21
C ASN D 113 30.96 11.42 -3.71
N VAL D 114 32.07 10.76 -3.42
CA VAL D 114 33.26 11.46 -2.93
C VAL D 114 34.08 12.00 -4.09
N SER D 115 34.13 11.27 -5.19
CA SER D 115 34.80 11.75 -6.40
C SER D 115 33.81 11.72 -7.56
N PHE D 116 34.31 12.07 -8.75
CA PHE D 116 33.52 12.12 -9.98
C PHE D 116 33.62 10.82 -10.79
N GLU D 117 34.86 10.38 -11.05
CA GLU D 117 35.15 9.14 -11.80
C GLU D 117 35.30 8.02 -10.79
N LYS D 118 34.49 6.96 -10.90
CA LYS D 118 34.43 5.93 -9.88
C LYS D 118 34.59 4.56 -10.54
N LYS D 119 35.02 3.57 -9.75
CA LYS D 119 35.11 2.18 -10.22
C LYS D 119 34.56 1.27 -9.13
N VAL D 120 33.36 0.73 -9.32
CA VAL D 120 32.72 -0.17 -8.36
C VAL D 120 32.78 -1.59 -8.91
N GLN D 121 33.45 -2.50 -8.19
CA GLN D 121 33.68 -3.87 -8.64
C GLN D 121 33.19 -4.89 -7.62
N ILE D 122 32.66 -6.01 -8.11
CA ILE D 122 32.41 -7.20 -7.29
C ILE D 122 33.60 -8.13 -7.46
N ARG D 123 34.17 -8.58 -6.35
CA ARG D 123 35.25 -9.54 -6.37
C ARG D 123 34.62 -10.86 -5.88
N ILE D 124 34.54 -11.85 -6.79
CA ILE D 124 33.72 -13.03 -6.57
C ILE D 124 34.53 -14.29 -6.89
N THR D 125 34.23 -15.37 -6.14
CA THR D 125 34.84 -16.67 -6.33
C THR D 125 33.77 -17.75 -6.38
N PHE D 126 33.99 -18.72 -7.28
CA PHE D 126 33.18 -19.92 -7.43
C PHE D 126 33.90 -21.19 -6.99
N ASP D 127 35.01 -21.05 -6.28
CA ASP D 127 35.82 -22.20 -5.93
C ASP D 127 36.61 -21.93 -4.65
N SER D 128 35.93 -21.45 -3.61
CA SER D 128 36.53 -21.30 -2.28
C SER D 128 37.78 -20.41 -2.32
N TRP D 129 37.77 -19.41 -3.20
CA TRP D 129 38.80 -18.38 -3.34
C TRP D 129 40.12 -18.91 -3.90
N LYS D 130 40.12 -20.09 -4.52
CA LYS D 130 41.29 -20.54 -5.26
C LYS D 130 41.54 -19.67 -6.48
N ASN D 131 40.48 -19.13 -7.07
CA ASN D 131 40.57 -18.09 -8.08
C ASN D 131 39.45 -17.11 -7.79
N TYR D 132 39.64 -15.87 -8.24
CA TYR D 132 38.56 -14.90 -8.18
C TYR D 132 38.62 -14.03 -9.42
N THR D 133 37.52 -13.34 -9.69
CA THR D 133 37.47 -12.40 -10.80
C THR D 133 36.68 -11.17 -10.39
N ASP D 134 37.01 -10.03 -11.03
CA ASP D 134 36.50 -8.71 -10.67
C ASP D 134 35.53 -8.23 -11.76
N VAL D 135 34.23 -8.24 -11.47
CA VAL D 135 33.21 -7.77 -12.41
C VAL D 135 32.94 -6.30 -12.17
N ASP D 136 32.82 -5.54 -13.27
CA ASP D 136 32.56 -4.11 -13.23
C ASP D 136 31.05 -3.82 -13.20
N CYS D 137 30.67 -2.80 -12.45
CA CYS D 137 29.29 -2.34 -12.32
C CYS D 137 29.01 -1.16 -13.24
N VAL D 138 27.73 -0.80 -13.33
CA VAL D 138 27.25 0.23 -14.26
C VAL D 138 26.58 1.34 -13.45
N TYR D 139 26.79 2.58 -13.87
CA TYR D 139 26.17 3.73 -13.22
C TYR D 139 24.69 3.77 -13.60
N MET D 140 23.83 4.04 -12.62
CA MET D 140 22.40 4.10 -12.87
C MET D 140 21.85 5.51 -12.73
N LYS D 141 20.97 5.86 -13.68
CA LYS D 141 20.41 7.20 -13.84
C LYS D 141 19.07 7.30 -13.10
N ASN D 142 19.12 7.51 -11.80
CA ASN D 142 17.87 7.70 -11.07
C ASN D 142 18.20 8.48 -9.80
N THR D 147 22.25 14.07 -6.31
CA THR D 147 22.00 14.30 -4.90
C THR D 147 23.28 14.11 -4.07
N ASP D 148 23.26 13.15 -3.14
CA ASP D 148 24.38 12.87 -2.25
C ASP D 148 25.07 11.54 -2.53
N SER D 149 24.42 10.61 -3.22
CA SER D 149 24.96 9.28 -3.52
C SER D 149 24.73 8.92 -4.98
N ASP D 150 25.48 7.92 -5.44
CA ASP D 150 25.25 7.30 -6.75
C ASP D 150 25.01 5.81 -6.55
N THR D 151 24.33 5.19 -7.52
CA THR D 151 23.89 3.81 -7.43
C THR D 151 24.30 3.03 -8.68
N PHE D 152 24.80 1.81 -8.49
CA PHE D 152 25.34 0.98 -9.55
C PHE D 152 24.63 -0.39 -9.60
N SER D 153 24.54 -0.93 -10.80
CA SER D 153 23.92 -2.23 -11.02
C SER D 153 25.00 -3.24 -11.37
N PHE D 154 24.70 -4.52 -11.16
CA PHE D 154 25.60 -5.57 -11.63
C PHE D 154 24.82 -6.83 -11.96
N ALA D 155 25.43 -7.64 -12.83
CA ALA D 155 24.94 -8.96 -13.16
C ALA D 155 26.13 -9.83 -13.55
N ILE D 156 26.20 -11.02 -12.97
CA ILE D 156 27.34 -11.91 -13.07
C ILE D 156 26.86 -13.28 -13.51
N ASP D 157 27.50 -13.82 -14.54
CA ASP D 157 27.14 -15.12 -15.08
C ASP D 157 27.67 -16.23 -14.17
N LEU D 158 26.77 -17.14 -13.76
CA LEU D 158 27.21 -18.31 -12.99
C LEU D 158 27.77 -19.40 -13.91
N PRO D 159 28.78 -20.14 -13.44
CA PRO D 159 29.28 -21.26 -14.23
C PRO D 159 28.23 -22.38 -14.29
N PRO D 160 28.27 -23.21 -15.33
CA PRO D 160 27.21 -24.22 -15.48
C PRO D 160 27.11 -25.18 -14.31
N VAL D 161 28.23 -25.78 -13.90
CA VAL D 161 28.25 -26.76 -12.83
C VAL D 161 29.21 -26.30 -11.74
N ILE D 162 28.77 -26.42 -10.48
CA ILE D 162 29.56 -26.08 -9.31
C ILE D 162 29.45 -27.22 -8.31
N PRO D 163 30.54 -27.88 -7.94
CA PRO D 163 30.45 -28.97 -6.97
C PRO D 163 30.02 -28.46 -5.59
N THR D 164 29.34 -29.34 -4.83
CA THR D 164 28.77 -28.95 -3.55
C THR D 164 29.83 -28.55 -2.53
N GLU D 165 31.06 -28.97 -2.76
CA GLU D 165 32.13 -28.71 -1.77
C GLU D 165 32.76 -27.36 -2.03
N GLN D 166 32.52 -26.78 -3.18
CA GLN D 166 33.04 -25.45 -3.45
C GLN D 166 32.18 -24.41 -2.76
N LYS D 167 32.81 -23.35 -2.27
CA LYS D 167 32.11 -22.23 -1.66
C LYS D 167 32.02 -21.08 -2.65
N ILE D 168 30.90 -20.36 -2.64
CA ILE D 168 30.67 -19.25 -3.55
C ILE D 168 30.54 -17.98 -2.72
N GLU D 169 31.47 -17.04 -2.88
CA GLU D 169 31.44 -15.86 -2.03
C GLU D 169 31.84 -14.64 -2.84
N PHE D 170 31.37 -13.47 -2.41
CA PHE D 170 31.75 -12.24 -3.09
C PHE D 170 31.71 -11.07 -2.11
N CYS D 171 32.51 -10.04 -2.42
CA CYS D 171 32.49 -8.79 -1.68
C CYS D 171 32.70 -7.63 -2.65
N ILE D 172 32.62 -6.39 -2.16
CA ILE D 172 32.47 -5.22 -3.04
C ILE D 172 33.55 -4.18 -2.76
N SER D 173 34.28 -3.79 -3.81
CA SER D 173 35.30 -2.74 -3.78
C SER D 173 34.81 -1.48 -4.48
N TYR D 174 35.21 -0.33 -3.97
CA TYR D 174 34.87 0.98 -4.55
C TYR D 174 36.15 1.81 -4.60
N HIS D 175 36.62 2.11 -5.81
CA HIS D 175 37.81 2.92 -6.02
C HIS D 175 37.34 4.32 -6.41
N ALA D 176 37.74 5.32 -5.63
CA ALA D 176 37.38 6.69 -5.96
C ALA D 176 38.24 7.66 -5.16
N ASN D 177 38.48 8.83 -5.75
CA ASN D 177 39.13 9.93 -5.04
C ASN D 177 40.49 9.50 -4.50
N GLY D 178 41.11 8.54 -5.19
CA GLY D 178 42.42 8.05 -4.83
C GLY D 178 42.46 7.02 -3.72
N GLN D 179 41.31 6.46 -3.32
CA GLN D 179 41.25 5.56 -2.18
C GLN D 179 40.43 4.32 -2.54
N VAL D 180 40.54 3.29 -1.70
CA VAL D 180 39.81 2.03 -1.88
C VAL D 180 38.92 1.78 -0.66
N PHE D 181 37.65 1.40 -0.92
CA PHE D 181 36.70 1.07 0.12
C PHE D 181 36.12 -0.32 -0.10
N TRP D 182 35.71 -0.96 1.00
CA TRP D 182 35.19 -2.32 0.96
C TRP D 182 33.92 -2.44 1.78
N ASP D 183 32.90 -3.08 1.18
CA ASP D 183 31.83 -3.73 1.94
C ASP D 183 32.04 -5.22 1.79
N ASN D 184 32.38 -5.88 2.89
CA ASN D 184 32.66 -7.31 2.92
C ASN D 184 31.71 -8.06 3.85
N ASN D 185 30.49 -7.52 4.05
CA ASN D 185 29.50 -8.13 4.94
C ASN D 185 30.01 -8.25 6.38
N ASP D 186 30.50 -7.13 6.92
CA ASP D 186 31.14 -7.12 8.24
C ASP D 186 32.25 -8.17 8.35
N GLY D 187 32.97 -8.42 7.27
CA GLY D 187 34.14 -9.30 7.31
C GLY D 187 33.87 -10.78 7.12
N GLN D 188 32.64 -11.17 6.76
CA GLN D 188 32.27 -12.55 6.53
C GLN D 188 32.11 -12.90 5.05
N ASN D 189 32.12 -11.90 4.17
CA ASN D 189 31.77 -12.02 2.75
C ASN D 189 30.29 -12.35 2.57
N TYR D 190 29.77 -12.06 1.37
CA TYR D 190 28.41 -12.45 1.01
C TYR D 190 28.49 -13.85 0.43
N ARG D 191 27.70 -14.76 1.00
CA ARG D 191 27.85 -16.18 0.73
C ARG D 191 26.67 -16.69 -0.08
N ILE D 192 26.92 -17.73 -0.89
CA ILE D 192 25.91 -18.38 -1.72
C ILE D 192 26.06 -19.89 -1.57
N VAL D 193 24.97 -20.59 -1.24
CA VAL D 193 25.00 -22.01 -0.88
C VAL D 193 24.12 -22.86 -1.82
N HIS D 194 24.30 -24.17 -1.75
CA HIS D 194 23.55 -25.13 -2.55
C HIS D 194 22.46 -25.77 -1.69
N VAL D 195 21.43 -26.31 -2.35
CA VAL D 195 20.30 -26.93 -1.67
C VAL D 195 20.06 -28.33 -2.26
N GLN D 196 19.16 -29.08 -1.62
CA GLN D 196 18.93 -30.52 -1.90
C GLN D 196 17.55 -30.89 -2.48
C1 GLC E . -11.52 -4.73 -44.61
C2 GLC E . -13.05 -4.47 -44.51
C3 GLC E . -13.81 -5.66 -43.86
C4 GLC E . -13.35 -7.01 -44.36
C5 GLC E . -11.84 -7.07 -44.45
C6 GLC E . -11.36 -8.40 -45.07
O2 GLC E . -13.29 -3.32 -43.76
O3 GLC E . -15.20 -5.52 -44.09
O4 GLC E . -13.79 -7.95 -43.37
O5 GLC E . -11.30 -6.00 -45.19
O6 GLC E . -10.03 -8.24 -45.51
C1 GLC E . -14.76 -8.81 -43.85
C2 GLC E . -16.07 -8.82 -42.97
C3 GLC E . -16.10 -9.86 -41.84
C4 GLC E . -15.09 -10.99 -41.95
C5 GLC E . -13.81 -10.57 -42.66
C6 GLC E . -12.77 -11.68 -42.84
O2 GLC E . -16.27 -7.60 -42.35
O3 GLC E . -17.43 -10.37 -41.71
O4 GLC E . -14.79 -11.30 -40.57
O5 GLC E . -14.12 -10.08 -43.94
O6 GLC E . -11.77 -11.23 -43.71
C1 GLC E . -14.84 -12.68 -40.30
C2 GLC E . -15.70 -12.93 -39.03
C3 GLC E . -14.97 -12.40 -37.78
C4 GLC E . -13.48 -12.81 -37.73
C5 GLC E . -12.73 -12.62 -39.08
C6 GLC E . -11.43 -13.44 -39.11
O2 GLC E . -16.95 -12.28 -39.11
O3 GLC E . -15.70 -12.76 -36.62
O4 GLC E . -12.85 -12.01 -36.75
O5 GLC E . -13.47 -13.07 -40.21
O6 GLC E . -10.33 -12.61 -38.79
C1 GLC E . -12.36 -12.72 -35.68
C2 GLC E . -12.74 -12.00 -34.33
C3 GLC E . -12.02 -10.66 -34.24
C4 GLC E . -10.51 -10.77 -34.43
C5 GLC E . -10.15 -11.61 -35.64
C6 GLC E . -8.68 -12.04 -35.53
O2 GLC E . -14.13 -11.81 -34.27
O3 GLC E . -12.36 -10.02 -32.99
O4 GLC E . -9.93 -9.44 -34.70
O5 GLC E . -10.93 -12.82 -35.84
O6 GLC E . -7.88 -10.93 -35.83
C1 GLC E . -9.16 -8.85 -33.66
C2 GLC E . -9.95 -7.71 -32.97
C3 GLC E . -9.77 -6.29 -33.52
C4 GLC E . -8.66 -6.01 -34.51
C5 GLC E . -7.95 -7.27 -35.07
C6 GLC E . -6.49 -6.91 -35.35
O2 GLC E . -11.35 -7.96 -33.04
O3 GLC E . -9.60 -5.40 -32.43
O4 GLC E . -9.34 -5.25 -35.51
O5 GLC E . -7.92 -8.39 -34.18
O6 GLC E . -5.88 -7.89 -36.13
C1 GLC E . -8.59 -4.12 -35.96
C2 GLC E . -9.61 -3.01 -36.45
C3 GLC E . -9.23 -2.25 -37.75
C4 GLC E . -8.14 -2.88 -38.64
C5 GLC E . -7.20 -3.88 -37.98
C6 GLC E . -5.97 -3.08 -37.53
O2 GLC E . -10.87 -3.52 -36.64
O3 GLC E . -8.86 -0.94 -37.42
O4 GLC E . -8.67 -3.45 -39.84
O5 GLC E . -7.70 -4.63 -36.91
O6 GLC E . -5.43 -2.56 -38.72
C1 GLC E . -8.58 -2.47 -40.85
C2 GLC E . -10.03 -1.98 -41.15
C3 GLC E . -10.63 -2.43 -42.49
C4 GLC E . -9.92 -3.56 -43.24
C5 GLC E . -8.65 -4.05 -42.54
C6 GLC E . -7.70 -4.82 -43.51
O2 GLC E . -10.88 -2.51 -40.20
O3 GLC E . -10.72 -1.25 -43.26
O4 GLC E . -10.87 -4.66 -43.35
O5 GLC E . -7.91 -2.99 -41.99
O6 GLC E . -8.02 -6.19 -43.52
C1 GLC F . -29.99 21.51 -33.31
C2 GLC F . -31.20 21.35 -32.32
C3 GLC F . -31.79 19.92 -32.17
C4 GLC F . -31.36 18.87 -33.21
C5 GLC F . -30.12 19.21 -34.07
C6 GLC F . -30.18 18.30 -35.34
O2 GLC F . -30.89 21.77 -31.01
O3 GLC F . -33.20 20.04 -32.24
O4 GLC F . -31.12 17.66 -32.48
O5 GLC F . -30.02 20.59 -34.41
O6 GLC F . -29.32 18.73 -36.36
C1 GLC F . -32.17 16.76 -32.62
C2 GLC F . -32.76 16.35 -31.22
C3 GLC F . -31.86 15.36 -30.44
C4 GLC F . -31.11 14.35 -31.30
C5 GLC F . -30.63 14.97 -32.63
C6 GLC F . -29.98 13.97 -33.59
O2 GLC F . -32.95 17.48 -30.44
O3 GLC F . -32.69 14.71 -29.46
O4 GLC F . -29.97 13.85 -30.54
O5 GLC F . -31.67 15.62 -33.33
O6 GLC F . -29.62 14.65 -34.76
C1 GLC F . -30.00 12.45 -30.28
C2 GLC F . -29.44 12.20 -28.87
C3 GLC F . -27.97 12.67 -28.81
C4 GLC F . -27.12 12.02 -29.91
C5 GLC F . -27.83 12.14 -31.28
C6 GLC F . -27.15 11.28 -32.36
O2 GLC F . -30.18 12.91 -27.89
O3 GLC F . -27.40 12.47 -27.52
O4 GLC F . -25.92 12.77 -29.91
O5 GLC F . -29.22 11.81 -31.28
O6 GLC F . -27.96 11.36 -33.49
C1 GLC F . -24.76 12.06 -30.10
C2 GLC F . -23.86 12.20 -28.80
C3 GLC F . -23.23 13.59 -28.77
C4 GLC F . -22.39 13.62 -30.01
C5 GLC F . -23.34 13.80 -31.19
C6 GLC F . -22.66 14.06 -32.55
O2 GLC F . -24.63 12.04 -27.67
O3 GLC F . -22.51 13.79 -27.55
O4 GLC F . -21.07 14.32 -29.94
O5 GLC F . -24.20 12.63 -31.32
O6 GLC F . -23.67 14.17 -33.52
C1 GLC F . -20.81 15.72 -29.85
C2 GLC F . -20.55 16.25 -28.41
C3 GLC F . -21.43 17.46 -28.13
C4 GLC F . -21.24 18.50 -29.22
C5 GLC F . -21.44 17.88 -30.63
C6 GLC F . -20.22 18.06 -31.54
O2 GLC F . -20.86 15.34 -27.39
O3 GLC F . -21.16 17.97 -26.84
O4 GLC F . -22.26 19.44 -29.02
O5 GLC F . -21.75 16.49 -30.59
O6 GLC F . -20.58 17.67 -32.83
C1 GLC F . -21.69 20.73 -28.91
C2 GLC F . -22.62 21.61 -28.01
C3 GLC F . -23.96 21.85 -28.75
C4 GLC F . -23.74 22.34 -30.20
C5 GLC F . -22.64 21.58 -30.97
C6 GLC F . -22.14 22.47 -32.12
O2 GLC F . -22.86 21.03 -26.78
O3 GLC F . -24.68 22.78 -28.00
O4 GLC F . -24.95 22.21 -30.92
O5 GLC F . -21.49 21.21 -30.21
O6 GLC F . -21.99 21.66 -33.26
C1 GLC F . -25.39 23.43 -31.45
C2 GLC F . -26.70 23.86 -30.71
C3 GLC F . -27.79 22.80 -30.97
C4 GLC F . -27.99 22.57 -32.47
C5 GLC F . -26.65 22.35 -33.18
C6 GLC F . -26.85 22.28 -34.72
O2 GLC F . -26.49 24.06 -29.34
O3 GLC F . -29.00 23.17 -30.31
O4 GLC F . -28.74 21.36 -32.67
O5 GLC F . -25.62 23.30 -32.86
O6 GLC F . -27.23 20.98 -35.08
#